data_3DF0
#
_entry.id   3DF0
#
_cell.length_a   147.390
_cell.length_b   147.390
_cell.length_c   47.222
_cell.angle_alpha   90.000
_cell.angle_beta   90.000
_cell.angle_gamma   90.000
#
_symmetry.space_group_name_H-M   'P 42'
#
loop_
_entity.id
_entity.type
_entity.pdbx_description
1 polymer 'Calpain-2 catalytic subunit'
2 polymer 'Calpain small subunit 1'
3 polymer Calpastatin
4 non-polymer 'CALCIUM ION'
#
loop_
_entity_poly.entity_id
_entity_poly.type
_entity_poly.pdbx_seq_one_letter_code
_entity_poly.pdbx_strand_id
1 'polypeptide(L)'
;MAGIAMKLAKDREAAEGLGSHERAIKYLNQDYETLRNECLEAGALFQDPSFPALPSSLGFKELGPYSSKTRGIEWKRPTE
ICADPQFIIGGATRTDICQGALGDSWLLAAIASLTLNEEILARVVPLDQSFQENYAGIFHFQFWQYGEWVEVVVDDRLPT
KDGELLFVHSAEGSEFWSALLEKAYAKINGCYEALSGGATTEGFEDFTGGIAEWYELRKPPPNLFKIIQKALEKGSLLGC
SIDITSAADSEAVTYQKLVKGHAYSVTGAEEVESSGSLQKLIRIRNPWGQVEWTGKWNDNCPSWNTVDPEVRANLTERQE
DGEFWMSFSDFLRHYSRLEICNLTPDTLTCDSYKKWKLTKMDGNWRRGSTAGGCRNYPNTFWMNPQYLIKLEEEDEDDED
GERGCTFLVGLIQKHRRRQRKMGEDMHTIGFGIYEVPEELTGQTNIHLSKNFFLTTRARERSDTFINLREVLNRFKLPPG
EYVLVPSTFEPHKNGDFCIRVFSEKKADYQTVDDEIEANIEEIEANEEDIGDGFRRLFAQLAGEDAEISAFELQTILRRV
LAKREDIKSDGFSIETCKIMVDMLDEDGSGKLGLKEFYILWTKIQKYQKIYREIDVDRSGTMNSYEMRKALEEAGFKLPC
QLHQVIVARFADDELIIDFDNFVRCLVRLEILFKIFKQLDPENTGTIQLDLISWLSFSVLGKLAAALEHHHHHH
;
A
2 'polypeptide(L)'
;MHYSNIEANESEEERQFRKLFVQLAGDDMEVSATELMNILNKVVTRHPDLKTDGFGIDTCRSMVAVMDSDTTGKLGFEEF
KYLWNNIKKWQGIYKRFDTDRSGTIGSNELPGAFEAAGFHLNQHIYSMIIRRYSDETGNMDFDNFISCLVRLDAMFRAFR
SLDKNGTGQIQVNIQEWLQLTMYS
;
B
3 'polypeptide(L)'
;AALDDLIDTLGECEDTNKDDPPYTGPVVLDPMDSTYLEALGIKEGTIPPEYRKLLEKNEAITGPLPDSPKPMGIDHAIDA
LSSDFT
;
C
#
loop_
_chem_comp.id
_chem_comp.type
_chem_comp.name
_chem_comp.formula
CA non-polymer 'CALCIUM ION' 'Ca 2'
#
# COMPACT_ATOMS: atom_id res chain seq x y z
N ALA A 24 0.18 -13.80 6.96
CA ALA A 24 -0.19 -12.36 7.02
C ALA A 24 1.04 -11.48 6.88
N ILE A 25 0.89 -10.32 6.25
CA ILE A 25 2.01 -9.39 6.13
C ILE A 25 2.12 -8.62 7.42
N LYS A 26 3.36 -8.40 7.88
CA LYS A 26 3.61 -7.65 9.10
C LYS A 26 3.61 -6.16 8.84
N TYR A 27 2.61 -5.47 9.39
CA TYR A 27 2.47 -4.04 9.25
C TYR A 27 3.70 -3.28 9.74
N LEU A 28 4.05 -2.22 9.01
CA LEU A 28 5.23 -1.41 9.31
C LEU A 28 6.44 -2.28 9.60
N ASN A 29 6.35 -3.55 9.19
CA ASN A 29 7.41 -4.51 9.37
C ASN A 29 7.88 -4.66 10.81
N GLN A 30 6.96 -4.53 11.76
CA GLN A 30 7.27 -4.87 13.14
C GLN A 30 6.72 -6.28 13.38
N ASP A 31 7.39 -7.07 14.23
CA ASP A 31 6.88 -8.39 14.61
C ASP A 31 6.46 -8.48 16.08
N TYR A 32 5.37 -9.20 16.34
CA TYR A 32 4.88 -9.45 17.70
C TYR A 32 5.86 -10.25 18.54
N GLU A 33 6.21 -11.43 18.06
CA GLU A 33 7.04 -12.36 18.82
C GLU A 33 8.52 -11.97 18.88
N THR A 34 8.93 -10.93 18.16
CA THR A 34 10.29 -10.40 18.31
C THR A 34 10.26 -9.13 19.16
N LEU A 35 9.07 -8.77 19.62
CA LEU A 35 8.93 -7.67 20.56
C LEU A 35 8.75 -8.25 21.96
N ARG A 36 7.80 -9.18 22.10
CA ARG A 36 7.51 -9.91 23.35
C ARG A 36 8.75 -10.66 23.92
N ASN A 37 9.61 -11.14 23.03
CA ASN A 37 10.88 -11.70 23.42
C ASN A 37 11.80 -10.63 24.00
N GLU A 38 11.72 -9.43 23.42
CA GLU A 38 12.70 -8.39 23.65
C GLU A 38 12.37 -7.51 24.86
N CYS A 39 11.74 -8.12 25.87
CA CYS A 39 11.32 -7.42 27.07
C CYS A 39 11.94 -8.10 28.27
N LEU A 40 11.66 -9.40 28.39
CA LEU A 40 12.22 -10.23 29.45
C LEU A 40 13.73 -10.20 29.32
N GLU A 41 14.22 -9.63 28.21
CA GLU A 41 15.64 -9.33 28.10
C GLU A 41 15.98 -7.84 28.21
N ALA A 42 14.95 -6.97 28.03
CA ALA A 42 15.20 -5.52 28.02
C ALA A 42 14.90 -4.78 29.33
N GLY A 43 13.83 -5.17 30.03
CA GLY A 43 13.42 -4.46 31.25
C GLY A 43 11.94 -4.55 31.52
N ALA A 44 11.19 -3.48 31.23
CA ALA A 44 9.78 -3.34 31.61
C ALA A 44 8.75 -3.26 30.44
N LEU A 45 7.78 -2.35 30.56
CA LEU A 45 6.63 -2.29 29.67
C LEU A 45 6.87 -1.38 28.46
N PHE A 46 6.34 -1.79 27.31
CA PHE A 46 6.82 -1.30 26.00
C PHE A 46 6.05 -0.18 25.32
N GLN A 47 6.78 0.89 24.97
CA GLN A 47 6.29 1.97 24.12
C GLN A 47 6.18 1.48 22.66
N ASP A 48 6.04 2.45 21.74
CA ASP A 48 5.80 2.18 20.31
C ASP A 48 6.39 3.26 19.40
N PRO A 49 7.60 3.00 18.84
CA PRO A 49 8.24 3.93 17.89
C PRO A 49 7.33 4.22 16.68
N SER A 50 6.79 3.17 16.07
CA SER A 50 5.85 3.25 14.95
C SER A 50 4.63 4.16 15.18
N PHE A 51 4.07 4.09 16.39
CA PHE A 51 2.81 4.76 16.74
C PHE A 51 2.92 5.45 18.10
N PRO A 52 3.36 6.72 18.10
CA PRO A 52 3.52 7.52 19.31
C PRO A 52 2.31 7.53 20.24
N ALA A 53 2.57 7.70 21.53
CA ALA A 53 1.53 8.08 22.49
C ALA A 53 1.77 9.55 22.83
N LEU A 54 2.03 10.33 21.79
CA LEU A 54 2.28 11.76 21.93
C LEU A 54 1.08 12.48 21.32
N PRO A 55 0.84 13.74 21.74
CA PRO A 55 -0.37 14.48 21.38
C PRO A 55 -0.48 14.88 19.90
N SER A 56 -0.30 13.90 19.01
CA SER A 56 -0.55 14.05 17.58
C SER A 56 -0.94 12.70 17.01
N SER A 57 -0.97 11.70 17.91
CA SER A 57 -1.56 10.39 17.66
C SER A 57 -3.02 10.47 18.01
N LEU A 58 -3.59 11.65 17.80
CA LEU A 58 -4.94 11.93 18.22
C LEU A 58 -5.66 12.69 17.13
N GLY A 59 -5.19 13.88 16.83
CA GLY A 59 -5.89 14.79 15.94
C GLY A 59 -5.00 15.87 15.40
N PHE A 60 -5.63 16.80 14.68
CA PHE A 60 -4.91 17.82 13.90
C PHE A 60 -5.66 19.15 13.95
N LYS A 61 -6.98 19.07 13.79
CA LYS A 61 -7.82 20.26 13.69
C LYS A 61 -8.85 20.24 14.80
N GLU A 62 -9.92 19.48 14.55
CA GLU A 62 -11.12 19.48 15.38
C GLU A 62 -10.86 18.78 16.71
N LEU A 63 -9.82 17.95 16.72
CA LEU A 63 -9.27 17.40 17.95
C LEU A 63 -7.75 17.62 17.98
N GLY A 64 -7.34 18.79 17.51
CA GLY A 64 -5.94 19.12 17.32
C GLY A 64 -5.21 19.50 18.59
N PRO A 65 -3.88 19.31 18.61
CA PRO A 65 -2.91 19.66 19.63
C PRO A 65 -3.28 20.83 20.55
N TYR A 66 -4.11 21.77 20.07
CA TYR A 66 -4.62 22.85 20.94
C TYR A 66 -5.93 23.51 20.56
N SER A 67 -6.87 22.72 20.05
CA SER A 67 -8.26 23.13 20.10
C SER A 67 -8.73 22.78 21.49
N SER A 68 -9.35 23.76 22.16
CA SER A 68 -9.84 23.62 23.55
C SER A 68 -10.13 22.17 23.93
N LYS A 69 -10.95 21.49 23.12
CA LYS A 69 -11.32 20.09 23.30
C LYS A 69 -10.28 19.18 23.97
N THR A 70 -9.03 19.25 23.47
CA THR A 70 -8.00 18.32 23.91
C THR A 70 -7.18 18.80 25.10
N ARG A 71 -7.49 18.26 26.28
CA ARG A 71 -6.74 18.54 27.53
C ARG A 71 -7.32 17.78 28.72
N GLY A 72 -6.46 17.37 29.64
CA GLY A 72 -6.85 16.51 30.75
C GLY A 72 -6.64 15.05 30.38
N ILE A 73 -6.41 14.83 29.09
CA ILE A 73 -6.26 13.50 28.47
C ILE A 73 -4.93 12.82 28.80
N GLU A 74 -5.02 11.55 29.20
CA GLU A 74 -3.85 10.80 29.72
C GLU A 74 -3.78 9.40 29.15
N TRP A 75 -2.58 9.00 28.75
CA TRP A 75 -2.32 7.64 28.28
C TRP A 75 -2.01 6.70 29.46
N LYS A 76 -3.06 6.08 29.98
CA LYS A 76 -2.94 5.17 31.11
C LYS A 76 -3.12 3.74 30.62
N ARG A 77 -2.23 2.88 31.09
CA ARG A 77 -2.36 1.44 30.85
C ARG A 77 -3.50 0.87 31.70
N PRO A 78 -4.07 -0.29 31.30
CA PRO A 78 -5.12 -1.00 32.07
C PRO A 78 -4.74 -1.31 33.52
N THR A 79 -3.46 -1.59 33.74
CA THR A 79 -2.91 -1.84 35.07
C THR A 79 -3.11 -0.64 36.01
N GLU A 80 -3.25 0.53 35.41
CA GLU A 80 -3.16 1.80 36.15
C GLU A 80 -4.52 2.35 36.62
N ILE A 81 -5.57 1.98 35.90
CA ILE A 81 -6.90 2.53 36.18
C ILE A 81 -7.90 1.42 36.50
N CYS A 82 -7.39 0.28 36.98
CA CYS A 82 -8.16 -0.95 37.04
C CYS A 82 -7.32 -2.05 37.73
N ALA A 83 -7.72 -2.42 38.95
CA ALA A 83 -7.01 -3.43 39.74
C ALA A 83 -6.86 -4.76 38.97
N ASP A 84 -7.94 -5.16 38.28
CA ASP A 84 -8.00 -6.44 37.57
C ASP A 84 -8.03 -6.24 36.04
N PRO A 85 -6.85 -5.99 35.43
CA PRO A 85 -6.86 -5.75 33.98
C PRO A 85 -7.03 -7.06 33.25
N GLN A 86 -8.19 -7.22 32.63
CA GLN A 86 -8.49 -8.40 31.83
C GLN A 86 -8.44 -8.03 30.36
N PHE A 87 -8.34 -9.06 29.51
CA PHE A 87 -8.40 -8.85 28.07
C PHE A 87 -9.79 -9.16 27.60
N ILE A 88 -10.23 -10.40 27.82
CA ILE A 88 -11.63 -10.76 27.58
C ILE A 88 -12.21 -11.40 28.86
N ILE A 89 -13.52 -11.22 29.03
CA ILE A 89 -14.25 -11.76 30.17
C ILE A 89 -15.71 -11.89 29.78
N GLY A 90 -16.25 -13.09 29.95
CA GLY A 90 -17.61 -13.40 29.51
C GLY A 90 -17.67 -13.38 27.99
N GLY A 91 -16.68 -14.02 27.37
CA GLY A 91 -16.55 -14.03 25.91
C GLY A 91 -16.28 -12.64 25.39
N ALA A 92 -15.71 -12.57 24.19
CA ALA A 92 -15.63 -11.29 23.50
C ALA A 92 -16.95 -11.14 22.73
N THR A 93 -17.94 -10.57 23.41
CA THR A 93 -19.26 -10.48 22.83
C THR A 93 -19.57 -9.06 22.44
N ARG A 94 -20.77 -8.88 21.90
CA ARG A 94 -21.22 -7.58 21.41
C ARG A 94 -21.61 -6.59 22.52
N THR A 95 -21.68 -7.02 23.77
CA THR A 95 -21.97 -6.05 24.84
C THR A 95 -20.70 -5.34 25.31
N ASP A 96 -19.55 -5.76 24.80
CA ASP A 96 -18.27 -5.16 25.16
C ASP A 96 -18.04 -3.84 24.46
N ILE A 97 -18.60 -3.71 23.27
CA ILE A 97 -18.37 -2.56 22.40
C ILE A 97 -19.40 -1.48 22.69
N CYS A 98 -18.93 -0.35 23.20
CA CYS A 98 -19.77 0.80 23.54
C CYS A 98 -19.03 2.10 23.22
N GLN A 99 -19.65 2.95 22.40
CA GLN A 99 -19.03 4.14 21.84
C GLN A 99 -18.50 5.15 22.85
N GLY A 100 -17.31 5.66 22.57
CA GLY A 100 -16.78 6.80 23.30
C GLY A 100 -16.97 8.10 22.56
N ALA A 101 -16.17 9.09 22.93
CA ALA A 101 -16.39 10.48 22.54
C ALA A 101 -16.16 10.80 21.06
N LEU A 102 -16.11 9.78 20.21
CA LEU A 102 -15.73 9.96 18.79
C LEU A 102 -16.78 9.42 17.83
N GLY A 103 -16.82 9.96 16.62
CA GLY A 103 -17.80 9.57 15.61
C GLY A 103 -17.31 8.41 14.77
N ASP A 104 -16.89 7.34 15.42
CA ASP A 104 -16.52 6.11 14.71
C ASP A 104 -17.54 5.02 14.97
N SER A 105 -18.81 5.40 14.99
CA SER A 105 -19.89 4.44 15.09
C SER A 105 -19.82 3.40 13.96
N TRP A 106 -19.50 3.85 12.75
CA TRP A 106 -19.42 2.98 11.58
C TRP A 106 -18.58 1.73 11.84
N LEU A 107 -17.35 1.97 12.30
CA LEU A 107 -16.40 0.93 12.60
C LEU A 107 -16.84 0.13 13.79
N LEU A 108 -17.27 0.82 14.86
CA LEU A 108 -17.76 0.20 16.09
C LEU A 108 -18.94 -0.72 15.89
N ALA A 109 -19.91 -0.29 15.09
CA ALA A 109 -21.03 -1.12 14.74
C ALA A 109 -20.51 -2.37 14.06
N ALA A 110 -19.50 -2.19 13.19
CA ALA A 110 -18.82 -3.28 12.49
C ALA A 110 -18.28 -4.31 13.47
N ILE A 111 -17.61 -3.83 14.52
CA ILE A 111 -17.07 -4.71 15.55
C ILE A 111 -18.19 -5.48 16.25
N ALA A 112 -19.27 -4.79 16.60
CA ALA A 112 -20.37 -5.43 17.34
C ALA A 112 -20.96 -6.63 16.60
N SER A 113 -21.12 -6.48 15.29
CA SER A 113 -21.66 -7.53 14.42
C SER A 113 -20.58 -8.57 14.08
N LEU A 114 -19.33 -8.22 14.31
CA LEU A 114 -18.27 -9.21 14.13
C LEU A 114 -18.38 -10.34 15.17
N THR A 115 -18.73 -9.97 16.39
CA THR A 115 -18.70 -10.89 17.51
C THR A 115 -19.85 -11.86 17.48
N LEU A 116 -20.67 -11.77 16.45
CA LEU A 116 -21.72 -12.76 16.30
C LEU A 116 -21.18 -14.04 15.67
N ASN A 117 -20.23 -13.89 14.74
CA ASN A 117 -19.43 -15.03 14.36
C ASN A 117 -18.26 -15.14 15.34
N GLU A 118 -18.13 -16.31 15.99
CA GLU A 118 -16.99 -16.55 16.88
C GLU A 118 -15.70 -16.72 16.07
N GLU A 119 -15.70 -17.69 15.17
CA GLU A 119 -14.48 -18.15 14.53
C GLU A 119 -13.90 -17.28 13.42
N ILE A 120 -14.49 -16.11 13.17
CA ILE A 120 -13.85 -15.08 12.31
C ILE A 120 -13.24 -14.00 13.22
N LEU A 121 -13.91 -13.76 14.34
CA LEU A 121 -13.41 -12.88 15.39
C LEU A 121 -12.03 -13.39 15.75
N ALA A 122 -11.92 -14.72 15.79
CA ALA A 122 -10.63 -15.38 15.87
C ALA A 122 -9.59 -14.64 15.00
N ARG A 123 -9.79 -14.61 13.69
CA ARG A 123 -8.81 -13.99 12.79
C ARG A 123 -8.34 -12.63 13.26
N VAL A 124 -9.28 -11.70 13.48
CA VAL A 124 -8.94 -10.35 13.92
C VAL A 124 -8.37 -10.33 15.32
N VAL A 125 -9.02 -11.05 16.24
CA VAL A 125 -8.61 -11.04 17.65
C VAL A 125 -7.97 -12.37 18.04
N PRO A 126 -6.65 -12.38 18.20
CA PRO A 126 -6.01 -13.49 18.91
C PRO A 126 -6.44 -13.54 20.40
N LEU A 127 -7.44 -14.37 20.68
CA LEU A 127 -8.16 -14.32 21.96
C LEU A 127 -7.31 -14.69 23.18
N ASP A 128 -6.19 -15.36 22.95
CA ASP A 128 -5.40 -15.95 24.05
C ASP A 128 -4.49 -14.99 24.83
N GLN A 129 -4.48 -13.72 24.45
CA GLN A 129 -3.70 -12.68 25.11
C GLN A 129 -4.17 -12.39 26.53
N SER A 130 -3.25 -11.89 27.33
CA SER A 130 -3.48 -11.72 28.75
C SER A 130 -2.78 -10.51 29.29
N PHE A 131 -2.80 -10.42 30.61
CA PHE A 131 -1.96 -9.49 31.33
C PHE A 131 -1.09 -10.30 32.29
N GLN A 132 -1.36 -11.61 32.36
CA GLN A 132 -0.81 -12.50 33.38
C GLN A 132 0.23 -13.50 32.87
N GLU A 133 0.11 -13.89 31.60
CA GLU A 133 1.10 -14.78 30.98
C GLU A 133 2.42 -14.04 30.71
N ASN A 134 3.20 -14.49 29.73
CA ASN A 134 4.39 -13.74 29.37
C ASN A 134 3.97 -12.47 28.64
N TYR A 135 3.81 -11.42 29.44
CA TYR A 135 3.23 -10.14 29.04
C TYR A 135 4.28 -9.03 29.04
N ALA A 136 3.99 -7.94 28.33
CA ALA A 136 4.95 -6.83 28.16
C ALA A 136 4.30 -5.45 27.88
N GLY A 137 3.13 -5.43 27.25
CA GLY A 137 2.48 -4.16 26.96
C GLY A 137 2.15 -4.06 25.50
N ILE A 138 2.82 -4.86 24.69
CA ILE A 138 2.49 -4.94 23.28
C ILE A 138 1.26 -5.85 23.10
N PHE A 139 0.54 -5.64 22.00
CA PHE A 139 -0.62 -6.48 21.64
C PHE A 139 -0.68 -6.63 20.12
N HIS A 140 -1.55 -7.48 19.63
CA HIS A 140 -1.71 -7.55 18.18
C HIS A 140 -3.13 -7.89 17.73
N PHE A 141 -3.42 -7.51 16.49
CA PHE A 141 -4.69 -7.73 15.80
C PHE A 141 -4.34 -7.90 14.33
N GLN A 142 -5.20 -8.59 13.58
CA GLN A 142 -5.01 -8.73 12.15
C GLN A 142 -6.18 -8.02 11.47
N PHE A 143 -5.92 -7.43 10.30
CA PHE A 143 -6.88 -6.58 9.57
C PHE A 143 -6.74 -6.88 8.10
N TRP A 144 -7.86 -6.86 7.39
CA TRP A 144 -7.85 -6.92 5.95
C TRP A 144 -7.58 -5.51 5.47
N GLN A 145 -6.57 -5.36 4.61
CA GLN A 145 -6.16 -4.03 4.12
C GLN A 145 -5.93 -4.02 2.63
N TYR A 146 -6.91 -3.52 1.89
CA TYR A 146 -6.79 -3.33 0.45
C TYR A 146 -6.28 -4.59 -0.28
N GLY A 147 -6.54 -5.75 0.30
CA GLY A 147 -6.30 -6.98 -0.42
C GLY A 147 -5.38 -7.97 0.22
N GLU A 148 -4.62 -7.55 1.23
CA GLU A 148 -3.85 -8.50 2.03
C GLU A 148 -4.28 -8.46 3.48
N TRP A 149 -3.99 -9.55 4.18
CA TRP A 149 -4.12 -9.59 5.62
C TRP A 149 -2.89 -9.02 6.29
N VAL A 150 -3.10 -8.15 7.26
CA VAL A 150 -2.04 -7.35 7.83
C VAL A 150 -2.20 -7.34 9.34
N GLU A 151 -1.10 -7.67 10.04
CA GLU A 151 -1.09 -7.75 11.48
C GLU A 151 -0.44 -6.50 12.03
N VAL A 152 -1.13 -5.90 13.00
CA VAL A 152 -0.74 -4.61 13.54
C VAL A 152 -0.52 -4.75 15.02
N VAL A 153 0.54 -4.15 15.53
CA VAL A 153 0.92 -4.20 16.95
C VAL A 153 0.71 -2.83 17.61
N VAL A 154 0.10 -2.80 18.79
CA VAL A 154 0.01 -1.56 19.58
C VAL A 154 0.44 -1.77 21.02
N ASP A 155 0.76 -0.67 21.70
CA ASP A 155 1.06 -0.74 23.12
C ASP A 155 -0.24 -0.47 23.88
N ASP A 156 -0.31 -0.96 25.12
CA ASP A 156 -1.57 -0.99 25.87
C ASP A 156 -2.04 0.35 26.43
N ARG A 157 -1.27 1.42 26.21
CA ARG A 157 -1.66 2.75 26.70
C ARG A 157 -2.82 3.34 25.89
N LEU A 158 -3.82 3.85 26.60
CA LEU A 158 -5.04 4.38 25.98
C LEU A 158 -5.41 5.76 26.53
N PRO A 159 -6.06 6.59 25.68
CA PRO A 159 -6.57 7.91 26.07
C PRO A 159 -7.70 7.80 27.09
N THR A 160 -7.45 8.24 28.32
CA THR A 160 -8.48 8.32 29.36
C THR A 160 -8.51 9.70 29.98
N LYS A 161 -9.71 10.13 30.35
CA LYS A 161 -9.87 11.41 31.03
C LYS A 161 -10.68 11.16 32.29
N ASP A 162 -10.32 11.86 33.37
CA ASP A 162 -10.88 11.58 34.69
C ASP A 162 -10.63 10.08 34.94
N GLY A 163 -11.49 9.47 35.75
CA GLY A 163 -11.44 8.03 35.96
C GLY A 163 -11.56 7.22 34.66
N GLU A 164 -12.78 7.21 34.12
CA GLU A 164 -13.17 6.26 33.07
C GLU A 164 -12.50 6.49 31.71
N LEU A 165 -12.74 5.56 30.77
CA LEU A 165 -12.19 5.61 29.41
C LEU A 165 -12.89 6.61 28.52
N LEU A 166 -12.21 7.05 27.46
CA LEU A 166 -12.74 8.06 26.55
C LEU A 166 -13.17 7.52 25.18
N PHE A 167 -12.31 6.80 24.50
CA PHE A 167 -12.69 6.22 23.21
C PHE A 167 -13.02 4.75 23.38
N VAL A 168 -14.23 4.37 22.97
CA VAL A 168 -14.72 3.00 23.10
C VAL A 168 -14.43 2.44 24.50
N HIS A 169 -15.26 1.52 24.97
CA HIS A 169 -15.09 0.97 26.32
C HIS A 169 -16.06 -0.17 26.55
N SER A 170 -15.70 -1.07 27.47
CA SER A 170 -16.47 -2.29 27.66
C SER A 170 -17.69 -2.12 28.55
N ALA A 171 -18.48 -3.18 28.57
CA ALA A 171 -19.59 -3.31 29.49
C ALA A 171 -19.14 -3.24 30.94
N GLU A 172 -18.09 -3.98 31.32
CA GLU A 172 -17.72 -3.98 32.75
C GLU A 172 -16.47 -3.21 33.18
N GLY A 173 -15.84 -2.49 32.25
CA GLY A 173 -14.88 -1.46 32.63
C GLY A 173 -13.49 -1.89 33.11
N SER A 174 -13.24 -3.20 33.10
CA SER A 174 -11.88 -3.72 33.23
C SER A 174 -11.65 -4.83 32.19
N GLU A 175 -12.50 -4.82 31.16
CA GLU A 175 -12.28 -5.55 29.91
C GLU A 175 -11.74 -4.51 28.95
N PHE A 176 -10.73 -4.90 28.19
CA PHE A 176 -9.97 -3.92 27.42
C PHE A 176 -9.80 -4.19 25.91
N TRP A 177 -10.10 -5.41 25.49
CA TRP A 177 -9.79 -5.82 24.14
C TRP A 177 -10.32 -4.83 23.12
N SER A 178 -11.62 -4.53 23.19
CA SER A 178 -12.29 -3.69 22.22
C SER A 178 -11.71 -2.28 22.11
N ALA A 179 -11.19 -1.74 23.22
CA ALA A 179 -10.53 -0.43 23.20
C ALA A 179 -9.16 -0.45 22.51
N LEU A 180 -8.44 -1.57 22.65
CA LEU A 180 -7.12 -1.71 22.01
C LEU A 180 -7.27 -1.92 20.50
N LEU A 181 -8.30 -2.69 20.12
CA LEU A 181 -8.66 -2.90 18.74
C LEU A 181 -8.93 -1.57 18.10
N GLU A 182 -9.69 -0.74 18.78
CA GLU A 182 -9.98 0.60 18.30
C GLU A 182 -8.66 1.33 18.02
N LYS A 183 -7.71 1.26 18.97
CA LYS A 183 -6.41 1.89 18.83
C LYS A 183 -5.63 1.29 17.67
N ALA A 184 -5.78 -0.01 17.46
CA ALA A 184 -5.14 -0.67 16.34
C ALA A 184 -5.70 -0.17 15.02
N TYR A 185 -6.99 0.16 15.01
CA TYR A 185 -7.59 0.68 13.79
C TYR A 185 -7.29 2.15 13.51
N ALA A 186 -7.05 2.93 14.57
CA ALA A 186 -6.55 4.30 14.41
C ALA A 186 -5.11 4.31 13.91
N LYS A 187 -4.28 3.38 14.39
CA LYS A 187 -2.86 3.32 13.98
C LYS A 187 -2.71 3.16 12.48
N ILE A 188 -3.52 2.26 11.92
CA ILE A 188 -3.51 2.04 10.50
C ILE A 188 -4.04 3.29 9.77
N ASN A 189 -4.76 4.13 10.49
CA ASN A 189 -5.35 5.32 9.90
C ASN A 189 -4.72 6.64 10.34
N GLY A 190 -3.54 6.57 10.95
CA GLY A 190 -2.83 7.79 11.35
C GLY A 190 -3.17 8.31 12.76
N CYS A 191 -4.44 8.28 13.13
CA CYS A 191 -4.86 8.82 14.44
C CYS A 191 -6.33 8.58 14.74
N TYR A 192 -6.67 8.82 16.00
CA TYR A 192 -8.05 8.74 16.42
C TYR A 192 -8.95 9.63 15.54
N GLU A 193 -8.74 10.94 15.55
CA GLU A 193 -9.68 11.83 14.86
C GLU A 193 -10.01 11.43 13.42
N ALA A 194 -9.08 10.74 12.74
CA ALA A 194 -9.30 10.36 11.33
C ALA A 194 -10.43 9.33 11.18
N LEU A 195 -10.70 8.61 12.26
CA LEU A 195 -11.71 7.58 12.24
C LEU A 195 -13.09 8.20 12.26
N SER A 196 -13.12 9.53 12.18
CA SER A 196 -14.36 10.30 12.32
C SER A 196 -15.26 10.13 11.11
N GLY A 197 -16.27 9.30 11.27
CA GLY A 197 -17.25 9.05 10.21
C GLY A 197 -16.81 8.22 9.00
N GLY A 198 -17.79 7.51 8.44
CA GLY A 198 -17.63 6.66 7.24
C GLY A 198 -18.78 5.64 7.15
N ALA A 199 -18.58 4.59 6.36
CA ALA A 199 -19.56 3.51 6.21
C ALA A 199 -19.18 2.30 7.04
N THR A 200 -20.18 1.57 7.52
CA THR A 200 -19.93 0.32 8.20
C THR A 200 -19.20 -0.73 7.33
N THR A 201 -19.53 -0.81 6.04
CA THR A 201 -18.87 -1.80 5.21
C THR A 201 -17.34 -1.60 5.14
N GLU A 202 -16.88 -0.37 5.37
CA GLU A 202 -15.44 -0.10 5.49
C GLU A 202 -14.87 -0.95 6.59
N GLY A 203 -15.57 -0.95 7.73
CA GLY A 203 -15.25 -1.84 8.85
C GLY A 203 -15.39 -3.32 8.54
N PHE A 204 -16.57 -3.71 8.06
CA PHE A 204 -16.82 -5.11 7.74
C PHE A 204 -15.68 -5.74 6.91
N GLU A 205 -15.26 -5.07 5.85
CA GLU A 205 -14.37 -5.66 4.89
C GLU A 205 -12.98 -5.72 5.46
N ASP A 206 -12.66 -4.71 6.23
CA ASP A 206 -11.38 -4.65 6.89
C ASP A 206 -11.27 -5.79 7.91
N PHE A 207 -12.40 -6.44 8.23
CA PHE A 207 -12.38 -7.60 9.11
C PHE A 207 -12.51 -8.95 8.39
N THR A 208 -12.94 -8.89 7.14
CA THR A 208 -13.37 -10.10 6.44
C THR A 208 -12.72 -10.25 5.10
N GLY A 209 -12.48 -9.14 4.42
CA GLY A 209 -12.04 -9.22 3.03
C GLY A 209 -13.23 -9.62 2.18
N GLY A 210 -14.42 -9.30 2.68
CA GLY A 210 -15.70 -9.71 2.10
C GLY A 210 -16.37 -8.77 1.12
N ILE A 211 -17.50 -9.20 0.57
CA ILE A 211 -18.12 -8.56 -0.59
C ILE A 211 -19.35 -7.79 -0.18
N ALA A 212 -19.25 -6.46 -0.22
CA ALA A 212 -20.29 -5.60 0.37
C ALA A 212 -21.47 -5.32 -0.57
N GLU A 213 -22.60 -5.96 -0.29
CA GLU A 213 -23.82 -5.70 -1.05
C GLU A 213 -24.65 -4.66 -0.31
N TRP A 214 -25.23 -3.72 -1.06
CA TRP A 214 -26.02 -2.66 -0.46
C TRP A 214 -27.48 -2.70 -0.87
N TYR A 215 -28.30 -1.99 -0.11
CA TYR A 215 -29.72 -1.97 -0.35
C TYR A 215 -30.29 -0.65 0.14
N GLU A 216 -30.90 0.12 -0.77
CA GLU A 216 -31.79 1.23 -0.40
C GLU A 216 -33.07 0.68 0.22
N LEU A 217 -33.38 1.12 1.45
CA LEU A 217 -34.58 0.69 2.14
C LEU A 217 -35.84 1.44 1.72
N ARG A 218 -35.73 2.20 0.64
CA ARG A 218 -36.89 2.74 -0.06
C ARG A 218 -37.34 1.74 -1.13
N LYS A 219 -36.39 0.95 -1.63
CA LYS A 219 -36.64 0.09 -2.80
C LYS A 219 -36.27 -1.37 -2.55
N PRO A 220 -36.88 -2.01 -1.54
CA PRO A 220 -36.46 -3.39 -1.24
C PRO A 220 -36.65 -4.33 -2.40
N PRO A 221 -35.83 -5.39 -2.46
CA PRO A 221 -36.12 -6.51 -3.35
C PRO A 221 -37.12 -7.41 -2.61
N PRO A 222 -37.77 -8.34 -3.33
CA PRO A 222 -38.85 -9.10 -2.67
C PRO A 222 -38.43 -9.71 -1.31
N ASN A 223 -37.55 -10.70 -1.34
CA ASN A 223 -37.26 -11.48 -0.14
C ASN A 223 -36.18 -10.84 0.75
N LEU A 224 -36.23 -9.51 0.84
CA LEU A 224 -35.28 -8.78 1.63
C LEU A 224 -35.24 -9.41 2.99
N PHE A 225 -36.42 -9.59 3.58
CA PHE A 225 -36.46 -10.18 4.92
C PHE A 225 -35.83 -11.56 4.97
N LYS A 226 -36.12 -12.36 3.95
CA LYS A 226 -35.54 -13.69 3.84
C LYS A 226 -34.05 -13.61 3.48
N ILE A 227 -33.62 -12.48 2.93
CA ILE A 227 -32.20 -12.27 2.66
C ILE A 227 -31.44 -12.08 3.98
N ILE A 228 -31.89 -11.12 4.79
CA ILE A 228 -31.37 -10.92 6.14
C ILE A 228 -31.13 -12.27 6.86
N GLN A 229 -32.15 -13.13 6.87
CA GLN A 229 -32.05 -14.43 7.51
C GLN A 229 -30.99 -15.32 6.87
N LYS A 230 -31.00 -15.42 5.54
CA LYS A 230 -29.98 -16.16 4.83
C LYS A 230 -28.61 -15.62 5.25
N ALA A 231 -28.44 -14.32 5.06
CA ALA A 231 -27.19 -13.63 5.31
C ALA A 231 -26.67 -13.98 6.68
N LEU A 232 -27.49 -13.68 7.69
CA LEU A 232 -27.17 -13.96 9.07
C LEU A 232 -26.79 -15.42 9.29
N GLU A 233 -27.59 -16.35 8.78
CA GLU A 233 -27.24 -17.77 8.82
C GLU A 233 -25.89 -18.01 8.17
N LYS A 234 -25.73 -17.48 6.95
CA LYS A 234 -24.49 -17.62 6.17
C LYS A 234 -23.28 -16.97 6.82
N GLY A 235 -23.48 -16.43 8.02
CA GLY A 235 -22.42 -15.77 8.77
C GLY A 235 -21.83 -14.57 8.04
N SER A 236 -22.69 -13.80 7.38
CA SER A 236 -22.26 -12.57 6.77
C SER A 236 -22.36 -11.45 7.81
N LEU A 237 -22.05 -10.21 7.44
CA LEU A 237 -22.15 -9.10 8.40
C LEU A 237 -23.16 -8.03 7.96
N LEU A 238 -23.89 -7.49 8.93
CA LEU A 238 -25.04 -6.65 8.65
C LEU A 238 -25.11 -5.38 9.51
N GLY A 239 -25.54 -4.27 8.91
CA GLY A 239 -25.72 -2.99 9.62
C GLY A 239 -26.52 -1.97 8.81
N CYS A 240 -27.11 -0.98 9.51
CA CYS A 240 -28.04 -0.04 8.87
C CYS A 240 -28.00 1.36 9.48
N SER A 241 -28.66 2.31 8.83
CA SER A 241 -28.62 3.71 9.26
C SER A 241 -29.63 4.62 8.55
N ILE A 242 -30.21 5.55 9.32
CA ILE A 242 -31.04 6.62 8.76
C ILE A 242 -30.11 7.76 8.32
N ASP A 243 -30.21 8.20 7.06
CA ASP A 243 -29.35 9.27 6.54
C ASP A 243 -29.83 10.66 6.92
N ILE A 244 -29.07 11.68 6.49
CA ILE A 244 -29.34 13.07 6.83
C ILE A 244 -29.51 13.97 5.59
N THR A 245 -30.38 14.95 5.71
CA THR A 245 -30.60 15.94 4.66
C THR A 245 -30.21 17.33 5.13
N SER A 246 -29.49 18.03 4.25
CA SER A 246 -29.01 19.40 4.46
C SER A 246 -29.98 20.30 5.25
N ALA A 247 -29.42 21.08 6.16
CA ALA A 247 -30.17 21.92 7.12
C ALA A 247 -30.93 21.08 8.14
N SER A 250 -33.42 20.55 11.99
CA SER A 250 -32.00 20.53 11.69
C SER A 250 -31.22 19.67 12.69
N GLU A 251 -31.96 18.99 13.57
CA GLU A 251 -31.33 18.28 14.69
C GLU A 251 -31.28 16.76 14.62
N ALA A 252 -30.36 16.22 15.41
CA ALA A 252 -30.03 14.79 15.44
C ALA A 252 -31.23 13.88 15.77
N VAL A 253 -31.42 13.58 17.05
CA VAL A 253 -32.28 12.48 17.49
C VAL A 253 -33.74 12.58 17.05
N THR A 254 -34.25 11.48 16.47
CA THR A 254 -35.66 11.33 16.09
C THR A 254 -36.49 10.96 17.31
N TYR A 255 -37.75 11.40 17.34
CA TYR A 255 -38.57 11.28 18.56
C TYR A 255 -39.22 9.92 18.82
N GLN A 256 -38.79 8.90 18.07
CA GLN A 256 -39.02 7.53 18.50
C GLN A 256 -37.77 7.01 19.23
N LYS A 257 -36.81 7.93 19.44
CA LYS A 257 -35.47 7.63 19.98
C LYS A 257 -34.67 6.78 18.99
N LEU A 258 -34.27 7.43 17.89
CA LEU A 258 -33.35 6.87 16.92
C LEU A 258 -32.33 7.94 16.58
N VAL A 259 -31.05 7.59 16.69
CA VAL A 259 -29.97 8.53 16.37
C VAL A 259 -29.79 8.65 14.85
N LYS A 260 -29.90 9.89 14.35
CA LYS A 260 -29.73 10.18 12.92
C LYS A 260 -28.30 9.98 12.47
N GLY A 261 -28.11 9.78 11.16
CA GLY A 261 -26.79 9.65 10.50
C GLY A 261 -25.80 8.81 11.28
N HIS A 262 -26.27 7.67 11.77
CA HIS A 262 -25.59 6.93 12.84
C HIS A 262 -25.63 5.43 12.61
N ALA A 263 -24.44 4.82 12.71
CA ALA A 263 -24.27 3.41 12.38
C ALA A 263 -24.90 2.52 13.42
N TYR A 264 -25.76 1.60 12.98
CA TYR A 264 -26.33 0.58 13.84
C TYR A 264 -25.95 -0.77 13.28
N SER A 265 -26.07 -1.81 14.09
CA SER A 265 -25.65 -3.13 13.67
C SER A 265 -26.83 -4.09 13.74
N VAL A 266 -27.23 -4.65 12.58
CA VAL A 266 -28.30 -5.66 12.50
C VAL A 266 -27.78 -6.97 13.09
N THR A 267 -28.50 -7.56 14.05
CA THR A 267 -28.00 -8.75 14.79
C THR A 267 -28.86 -10.03 14.80
N GLY A 268 -30.17 -9.88 14.81
CA GLY A 268 -31.07 -11.04 14.89
C GLY A 268 -32.12 -11.03 13.81
N ALA A 269 -32.43 -12.22 13.28
CA ALA A 269 -33.44 -12.35 12.23
C ALA A 269 -34.42 -13.48 12.53
N GLU A 270 -35.67 -13.14 12.78
CA GLU A 270 -36.65 -14.10 13.24
C GLU A 270 -38.06 -13.71 12.83
N GLU A 271 -38.85 -14.66 12.35
CA GLU A 271 -40.29 -14.41 12.17
C GLU A 271 -41.13 -15.36 13.04
N VAL A 272 -41.89 -14.78 13.97
CA VAL A 272 -42.66 -15.57 14.96
C VAL A 272 -44.11 -15.06 15.16
N GLU A 273 -45.07 -15.96 14.92
CA GLU A 273 -46.50 -15.65 15.04
C GLU A 273 -46.85 -15.20 16.45
N SER A 274 -47.00 -13.88 16.62
CA SER A 274 -47.60 -13.33 17.82
C SER A 274 -49.10 -13.49 17.65
N SER A 275 -49.78 -14.02 18.69
CA SER A 275 -51.22 -14.30 18.64
C SER A 275 -51.94 -13.43 17.61
N GLY A 276 -52.31 -14.04 16.50
CA GLY A 276 -53.03 -13.33 15.44
C GLY A 276 -52.41 -13.49 14.07
N SER A 277 -51.21 -12.93 13.90
CA SER A 277 -50.55 -12.94 12.60
C SER A 277 -49.05 -13.19 12.73
N LEU A 278 -48.44 -13.76 11.68
CA LEU A 278 -47.00 -13.99 11.67
C LEU A 278 -46.31 -12.63 11.72
N GLN A 279 -45.26 -12.53 12.54
CA GLN A 279 -44.59 -11.26 12.70
C GLN A 279 -43.15 -11.26 12.18
N LYS A 280 -42.87 -10.35 11.26
CA LYS A 280 -41.49 -10.09 10.88
C LYS A 280 -40.88 -9.14 11.89
N LEU A 281 -39.90 -9.65 12.63
CA LEU A 281 -39.16 -8.89 13.65
C LEU A 281 -37.64 -8.96 13.43
N ILE A 282 -36.93 -7.92 13.89
CA ILE A 282 -35.50 -7.80 13.63
C ILE A 282 -34.74 -7.05 14.73
N ARG A 283 -33.61 -7.62 15.13
CA ARG A 283 -32.81 -7.12 16.25
C ARG A 283 -31.66 -6.25 15.76
N ILE A 284 -31.62 -5.02 16.27
CA ILE A 284 -30.59 -4.02 15.96
C ILE A 284 -29.83 -3.71 17.23
N ARG A 285 -28.61 -3.19 17.10
CA ARG A 285 -27.85 -2.72 18.26
C ARG A 285 -27.30 -1.32 18.05
N ASN A 286 -27.56 -0.44 19.02
CA ASN A 286 -27.00 0.92 19.00
C ASN A 286 -25.65 0.99 19.73
N PRO A 287 -24.56 1.21 18.98
CA PRO A 287 -23.19 1.29 19.52
C PRO A 287 -22.98 2.22 20.71
N TRP A 288 -23.94 3.06 21.06
CA TRP A 288 -23.87 3.82 22.31
C TRP A 288 -23.93 2.87 23.51
N GLY A 289 -24.74 1.82 23.39
CA GLY A 289 -24.93 0.85 24.44
C GLY A 289 -26.02 1.32 25.39
N GLN A 290 -26.72 2.37 24.99
CA GLN A 290 -27.82 2.98 25.74
C GLN A 290 -28.64 3.77 24.73
N VAL A 291 -29.92 4.00 25.04
CA VAL A 291 -30.89 4.62 24.10
C VAL A 291 -31.38 3.63 23.01
N GLU A 292 -32.44 2.90 23.37
CA GLU A 292 -33.13 1.98 22.48
C GLU A 292 -34.39 2.68 21.94
N TRP A 293 -34.97 2.16 20.86
CA TRP A 293 -36.05 2.89 20.15
C TRP A 293 -37.39 2.81 20.89
N THR A 294 -38.27 3.80 20.68
CA THR A 294 -39.55 3.86 21.42
C THR A 294 -40.82 3.89 20.54
N GLY A 295 -41.96 3.90 21.20
CA GLY A 295 -43.27 3.94 20.53
C GLY A 295 -43.79 2.57 20.14
N LYS A 296 -42.99 1.84 19.34
CA LYS A 296 -43.36 0.48 18.89
C LYS A 296 -42.34 -0.64 19.14
N TRP A 297 -42.89 -1.83 19.40
CA TRP A 297 -42.21 -3.13 19.46
C TRP A 297 -40.91 -3.32 20.25
N ASN A 298 -40.49 -2.28 20.98
CA ASN A 298 -39.21 -2.27 21.71
C ASN A 298 -39.03 -3.33 22.83
N ASP A 299 -38.76 -2.87 24.06
CA ASP A 299 -38.35 -3.75 25.17
C ASP A 299 -39.34 -3.70 26.33
N ASN A 300 -39.67 -2.48 26.78
CA ASN A 300 -40.66 -2.27 27.82
C ASN A 300 -42.03 -2.00 27.16
N CYS A 301 -42.49 -3.05 26.40
CA CYS A 301 -43.73 -2.92 25.61
C CYS A 301 -44.56 -4.19 25.69
N PRO A 302 -45.74 -4.13 26.33
CA PRO A 302 -46.71 -5.23 26.33
C PRO A 302 -47.33 -5.62 24.96
N SER A 303 -46.50 -5.57 23.90
CA SER A 303 -46.81 -6.26 22.66
C SER A 303 -46.17 -7.62 22.75
N TRP A 304 -45.20 -7.72 23.69
CA TRP A 304 -44.56 -8.99 24.03
C TRP A 304 -45.45 -9.88 24.92
N ASN A 305 -46.65 -9.40 25.26
CA ASN A 305 -47.66 -10.22 25.91
C ASN A 305 -48.25 -11.18 24.89
N THR A 306 -48.23 -10.74 23.64
CA THR A 306 -48.95 -11.41 22.54
C THR A 306 -48.19 -12.58 21.89
N VAL A 307 -47.04 -12.95 22.47
CA VAL A 307 -46.17 -13.99 21.89
C VAL A 307 -45.93 -15.15 22.85
N ASP A 308 -45.81 -16.35 22.29
CA ASP A 308 -45.53 -17.59 23.04
C ASP A 308 -44.18 -17.55 23.78
N PRO A 309 -44.20 -17.84 25.11
CA PRO A 309 -43.04 -17.83 26.02
C PRO A 309 -41.88 -18.77 25.64
N GLU A 310 -42.19 -19.85 24.92
CA GLU A 310 -41.23 -20.92 24.61
C GLU A 310 -40.01 -20.52 23.75
N VAL A 311 -40.25 -19.76 22.69
CA VAL A 311 -39.16 -19.26 21.87
C VAL A 311 -38.87 -17.82 22.30
N ARG A 312 -39.79 -17.27 23.10
CA ARG A 312 -39.71 -15.89 23.61
C ARG A 312 -38.62 -15.75 24.67
N ALA A 313 -38.70 -16.59 25.70
CA ALA A 313 -37.70 -16.60 26.77
C ALA A 313 -36.36 -17.21 26.32
N ASN A 314 -36.23 -17.38 25.01
CA ASN A 314 -34.98 -17.81 24.37
C ASN A 314 -34.41 -16.71 23.49
N LEU A 315 -35.19 -15.65 23.29
CA LEU A 315 -34.85 -14.65 22.28
C LEU A 315 -34.98 -13.18 22.68
N THR A 316 -35.96 -12.84 23.53
CA THR A 316 -36.11 -11.43 23.98
C THR A 316 -35.69 -11.13 25.43
N GLU A 317 -34.85 -10.11 25.61
CA GLU A 317 -34.53 -9.59 26.96
C GLU A 317 -35.26 -8.26 27.21
N ARG A 318 -34.88 -7.61 28.37
CA ARG A 318 -35.63 -6.46 28.91
C ARG A 318 -34.72 -5.38 29.52
N GLN A 319 -33.52 -5.20 28.95
CA GLN A 319 -32.51 -4.28 29.53
C GLN A 319 -31.90 -3.31 28.53
N GLU A 320 -31.55 -2.13 29.00
CA GLU A 320 -31.01 -1.09 28.12
C GLU A 320 -29.52 -1.29 27.81
N ASP A 321 -29.24 -1.69 26.57
CA ASP A 321 -27.87 -1.86 26.10
C ASP A 321 -27.74 -1.25 24.71
N GLY A 322 -28.77 -0.51 24.33
CA GLY A 322 -28.86 0.01 22.98
C GLY A 322 -29.38 -1.04 22.02
N GLU A 323 -29.71 -2.23 22.54
CA GLU A 323 -30.22 -3.30 21.69
C GLU A 323 -31.74 -3.50 21.78
N PHE A 324 -32.36 -3.80 20.64
CA PHE A 324 -33.82 -3.85 20.56
C PHE A 324 -34.35 -4.57 19.31
N TRP A 325 -35.66 -4.72 19.27
CA TRP A 325 -36.36 -5.23 18.11
C TRP A 325 -37.21 -4.13 17.47
N MET A 326 -37.66 -4.40 16.25
CA MET A 326 -38.69 -3.59 15.60
C MET A 326 -39.28 -4.35 14.43
N SER A 327 -40.52 -4.01 14.08
CA SER A 327 -41.16 -4.61 12.92
C SER A 327 -40.27 -4.38 11.70
N PHE A 328 -40.35 -5.30 10.74
CA PHE A 328 -39.68 -5.06 9.48
C PHE A 328 -40.32 -3.88 8.80
N SER A 329 -41.58 -3.62 9.13
CA SER A 329 -42.33 -2.49 8.61
C SER A 329 -41.76 -1.14 9.03
N ASP A 330 -41.59 -0.93 10.34
CA ASP A 330 -41.03 0.33 10.84
C ASP A 330 -39.56 0.42 10.47
N PHE A 331 -38.90 -0.74 10.43
CA PHE A 331 -37.52 -0.87 9.99
C PHE A 331 -37.34 -0.37 8.54
N LEU A 332 -38.26 -0.77 7.67
CA LEU A 332 -38.33 -0.24 6.31
C LEU A 332 -38.69 1.25 6.31
N ARG A 333 -39.66 1.64 7.12
CA ARG A 333 -40.09 3.05 7.24
C ARG A 333 -38.98 3.97 7.77
N HIS A 334 -38.25 3.51 8.78
CA HIS A 334 -37.32 4.38 9.49
C HIS A 334 -35.88 4.40 9.05
N TYR A 335 -35.35 3.26 8.65
CA TYR A 335 -33.96 3.21 8.23
C TYR A 335 -33.77 3.50 6.74
N SER A 336 -32.75 4.31 6.43
CA SER A 336 -32.44 4.70 5.05
C SER A 336 -31.65 3.62 4.31
N ARG A 337 -30.46 3.32 4.84
CA ARG A 337 -29.48 2.41 4.22
C ARG A 337 -29.36 1.09 4.97
N LEU A 338 -29.07 0.04 4.22
CA LEU A 338 -28.68 -1.25 4.82
C LEU A 338 -27.48 -1.86 4.09
N GLU A 339 -26.33 -1.86 4.79
CA GLU A 339 -25.15 -2.47 4.24
C GLU A 339 -25.04 -3.93 4.72
N ILE A 340 -24.52 -4.78 3.85
CA ILE A 340 -24.31 -6.17 4.18
C ILE A 340 -22.96 -6.62 3.67
N CYS A 341 -22.23 -7.39 4.47
CA CYS A 341 -20.96 -7.96 4.00
C CYS A 341 -21.00 -9.47 3.99
N ASN A 342 -20.90 -10.07 2.81
CA ASN A 342 -20.84 -11.53 2.71
C ASN A 342 -19.43 -12.01 2.55
N LEU A 343 -19.14 -13.15 3.15
CA LEU A 343 -17.80 -13.73 3.09
C LEU A 343 -17.52 -14.50 1.80
N THR A 344 -18.39 -14.33 0.81
CA THR A 344 -18.12 -14.84 -0.53
C THR A 344 -18.78 -13.96 -1.57
N PRO A 345 -18.33 -14.07 -2.83
CA PRO A 345 -18.91 -13.23 -3.84
C PRO A 345 -20.30 -13.72 -4.16
N ASP A 346 -20.64 -14.88 -3.62
CA ASP A 346 -21.96 -15.45 -3.80
C ASP A 346 -23.04 -14.46 -3.37
N THR A 347 -24.15 -14.51 -4.08
CA THR A 347 -25.27 -13.66 -3.77
C THR A 347 -26.25 -14.48 -2.95
N LEU A 348 -27.01 -13.79 -2.09
CA LEU A 348 -27.91 -14.45 -1.13
C LEU A 348 -29.29 -14.60 -1.74
N THR A 349 -29.52 -13.84 -2.81
CA THR A 349 -30.70 -14.02 -3.67
C THR A 349 -30.62 -15.41 -4.30
N CYS A 350 -29.42 -15.80 -4.72
CA CYS A 350 -29.11 -17.19 -5.06
C CYS A 350 -29.09 -18.03 -3.80
N ASP A 351 -29.36 -19.33 -3.93
CA ASP A 351 -29.31 -20.20 -2.75
C ASP A 351 -28.25 -21.31 -2.80
N SER A 352 -27.38 -21.29 -3.82
CA SER A 352 -26.23 -22.24 -3.90
C SER A 352 -24.84 -21.62 -4.10
N TYR A 353 -23.86 -22.19 -3.37
CA TYR A 353 -22.44 -21.79 -3.41
C TYR A 353 -21.71 -22.04 -4.76
N LYS A 354 -20.83 -21.09 -5.13
CA LYS A 354 -20.14 -21.07 -6.45
C LYS A 354 -18.60 -21.04 -6.35
N LYS A 355 -17.92 -21.36 -7.46
CA LYS A 355 -16.47 -21.14 -7.48
C LYS A 355 -16.07 -19.81 -8.14
N TRP A 356 -14.96 -19.26 -7.65
CA TRP A 356 -14.60 -17.87 -7.86
C TRP A 356 -13.12 -17.71 -7.93
N LYS A 357 -12.65 -17.12 -9.02
CA LYS A 357 -11.25 -16.69 -9.14
C LYS A 357 -11.16 -15.25 -8.65
N LEU A 358 -10.00 -14.85 -8.11
CA LEU A 358 -9.76 -13.44 -7.74
C LEU A 358 -8.58 -12.84 -8.49
N THR A 359 -8.80 -11.70 -9.15
CA THR A 359 -7.72 -10.99 -9.81
C THR A 359 -7.59 -9.60 -9.16
N LYS A 360 -6.38 -9.29 -8.69
CA LYS A 360 -6.06 -8.02 -8.05
C LYS A 360 -5.08 -7.17 -8.87
N MET A 361 -5.34 -5.86 -8.87
CA MET A 361 -4.59 -4.87 -9.65
C MET A 361 -4.76 -3.52 -8.95
N ASP A 362 -3.65 -2.86 -8.59
CA ASP A 362 -3.75 -1.46 -8.14
C ASP A 362 -3.26 -0.38 -9.14
N GLY A 363 -3.55 0.87 -8.80
CA GLY A 363 -3.15 1.99 -9.63
C GLY A 363 -3.28 3.31 -8.92
N ASN A 364 -2.81 4.34 -9.58
CA ASN A 364 -2.90 5.66 -9.00
C ASN A 364 -3.55 6.60 -9.94
N TRP A 365 -4.33 7.51 -9.41
CA TRP A 365 -4.60 8.71 -10.17
C TRP A 365 -3.63 9.78 -9.74
N ARG A 366 -3.04 10.46 -10.70
CA ARG A 366 -2.20 11.60 -10.41
C ARG A 366 -2.40 12.68 -11.49
N ARG A 367 -2.78 13.88 -11.03
CA ARG A 367 -3.06 15.05 -11.83
C ARG A 367 -1.92 15.40 -12.75
N GLY A 368 -2.22 15.43 -14.03
CA GLY A 368 -1.20 15.69 -15.01
C GLY A 368 -0.99 14.50 -15.90
N SER A 369 -1.14 13.31 -15.35
CA SER A 369 -0.76 12.13 -16.09
C SER A 369 -1.86 11.10 -16.10
N THR A 370 -2.30 10.67 -14.92
CA THR A 370 -3.30 9.60 -14.82
C THR A 370 -4.66 9.99 -14.23
N ALA A 371 -4.80 11.18 -13.62
CA ALA A 371 -6.11 11.58 -13.05
C ALA A 371 -7.08 12.07 -14.14
N GLY A 372 -7.92 11.17 -14.64
CA GLY A 372 -8.64 11.43 -15.89
C GLY A 372 -10.05 11.98 -15.81
N GLY A 373 -10.73 11.72 -14.72
CA GLY A 373 -12.16 11.93 -14.68
C GLY A 373 -12.89 10.80 -15.39
N CYS A 374 -14.20 10.78 -15.23
CA CYS A 374 -14.98 9.86 -15.97
C CYS A 374 -15.31 10.35 -17.39
N ARG A 375 -15.94 9.47 -18.14
CA ARG A 375 -16.29 9.71 -19.54
C ARG A 375 -16.96 11.09 -19.81
N ASN A 376 -17.51 11.71 -18.77
CA ASN A 376 -18.10 13.02 -18.95
C ASN A 376 -17.05 14.03 -19.45
N TYR A 377 -15.78 13.65 -19.36
CA TYR A 377 -14.66 14.51 -19.72
C TYR A 377 -13.76 13.82 -20.75
N PRO A 378 -14.19 13.82 -22.00
CA PRO A 378 -13.37 13.08 -22.97
C PRO A 378 -12.00 13.71 -23.23
N ASN A 379 -11.84 15.00 -23.02
CA ASN A 379 -10.49 15.55 -23.16
C ASN A 379 -9.47 14.90 -22.18
N THR A 380 -9.91 14.33 -21.07
CA THR A 380 -8.94 13.68 -20.19
C THR A 380 -9.18 12.18 -19.98
N PHE A 381 -10.44 11.78 -20.05
CA PHE A 381 -10.83 10.42 -19.74
C PHE A 381 -9.85 9.31 -20.16
N TRP A 382 -9.23 9.53 -21.32
CA TRP A 382 -8.40 8.55 -21.93
C TRP A 382 -7.04 8.54 -21.25
N MET A 383 -6.89 9.13 -20.08
CA MET A 383 -5.55 9.09 -19.52
C MET A 383 -5.56 8.49 -18.14
N ASN A 384 -6.72 7.93 -17.79
CA ASN A 384 -6.84 7.08 -16.64
C ASN A 384 -6.08 5.83 -17.04
N PRO A 385 -5.85 4.93 -16.08
CA PRO A 385 -5.31 3.59 -16.31
C PRO A 385 -6.39 2.70 -16.85
N GLN A 386 -6.02 1.71 -17.66
CA GLN A 386 -6.95 0.70 -18.20
C GLN A 386 -6.56 -0.74 -17.74
N TYR A 387 -7.51 -1.68 -17.78
CA TYR A 387 -7.33 -3.05 -17.24
C TYR A 387 -8.06 -4.15 -18.02
N LEU A 388 -7.33 -5.17 -18.46
CA LEU A 388 -7.96 -6.21 -19.26
C LEU A 388 -8.88 -7.08 -18.43
N ILE A 389 -9.89 -7.67 -19.04
CA ILE A 389 -10.74 -8.58 -18.30
C ILE A 389 -11.14 -9.67 -19.26
N LYS A 390 -10.57 -10.86 -19.09
CA LYS A 390 -10.89 -11.99 -19.93
C LYS A 390 -12.00 -12.80 -19.32
N LEU A 391 -13.18 -12.66 -19.92
CA LEU A 391 -14.30 -13.54 -19.62
C LEU A 391 -14.24 -14.72 -20.57
N GLU A 392 -14.17 -15.92 -20.00
CA GLU A 392 -13.80 -17.07 -20.79
C GLU A 392 -14.93 -18.06 -21.08
N GLU A 393 -14.79 -18.73 -22.22
CA GLU A 393 -15.81 -19.56 -22.78
C GLU A 393 -16.52 -20.54 -21.81
N GLU A 394 -15.75 -21.36 -21.09
CA GLU A 394 -16.32 -22.40 -20.22
C GLU A 394 -16.95 -21.91 -18.91
N ASP A 395 -16.78 -20.63 -18.62
CA ASP A 395 -17.32 -20.06 -17.40
C ASP A 395 -18.69 -19.49 -17.62
N GLU A 396 -19.11 -19.45 -18.89
CA GLU A 396 -20.49 -19.16 -19.24
C GLU A 396 -21.49 -20.07 -18.55
N ASP A 397 -22.56 -19.46 -18.05
CA ASP A 397 -23.75 -20.17 -17.62
C ASP A 397 -24.98 -19.48 -18.21
N ASP A 398 -26.14 -20.13 -18.09
CA ASP A 398 -27.39 -19.63 -18.63
C ASP A 398 -28.34 -19.28 -17.49
N GLU A 399 -27.85 -19.46 -16.27
CA GLU A 399 -28.54 -19.06 -15.04
C GLU A 399 -29.26 -17.72 -15.10
N ASP A 400 -30.35 -17.64 -14.35
CA ASP A 400 -31.12 -16.40 -14.18
C ASP A 400 -31.73 -15.88 -15.46
N GLY A 401 -31.91 -16.73 -16.47
CA GLY A 401 -32.45 -16.33 -17.77
C GLY A 401 -31.39 -15.92 -18.78
N GLU A 402 -30.61 -14.91 -18.43
CA GLU A 402 -29.53 -14.40 -19.29
C GLU A 402 -28.36 -15.39 -19.40
N ARG A 403 -27.74 -15.42 -20.59
CA ARG A 403 -26.59 -16.28 -20.86
C ARG A 403 -25.28 -15.46 -20.86
N GLY A 404 -24.40 -15.70 -19.90
CA GLY A 404 -23.08 -15.09 -19.96
C GLY A 404 -22.10 -15.60 -18.94
N CYS A 405 -21.10 -14.77 -18.67
CA CYS A 405 -20.14 -14.97 -17.59
C CYS A 405 -20.36 -13.94 -16.47
N THR A 406 -20.77 -14.42 -15.30
CA THR A 406 -20.86 -13.63 -14.08
C THR A 406 -19.48 -13.19 -13.54
N PHE A 407 -19.35 -11.91 -13.18
CA PHE A 407 -18.13 -11.36 -12.56
C PHE A 407 -18.46 -10.10 -11.73
N LEU A 408 -17.52 -9.69 -10.86
CA LEU A 408 -17.72 -8.58 -9.93
C LEU A 408 -16.52 -7.71 -9.97
N VAL A 409 -16.73 -6.40 -10.07
CA VAL A 409 -15.65 -5.43 -10.00
C VAL A 409 -15.81 -4.63 -8.70
N GLY A 410 -14.69 -4.33 -8.06
CA GLY A 410 -14.67 -3.69 -6.76
C GLY A 410 -13.50 -2.75 -6.81
N LEU A 411 -13.79 -1.45 -6.85
CA LEU A 411 -12.77 -0.41 -6.91
C LEU A 411 -12.74 0.26 -5.55
N ILE A 412 -11.53 0.41 -5.01
CA ILE A 412 -11.45 0.84 -3.62
C ILE A 412 -10.29 1.80 -3.38
N GLN A 413 -10.59 2.90 -2.71
CA GLN A 413 -9.63 3.95 -2.50
C GLN A 413 -8.66 3.54 -1.39
N LYS A 414 -7.38 3.51 -1.68
CA LYS A 414 -6.40 3.21 -0.66
C LYS A 414 -6.13 4.43 0.23
N HIS A 415 -5.97 4.18 1.53
CA HIS A 415 -5.35 5.14 2.44
C HIS A 415 -5.91 6.56 2.46
N ARG A 416 -7.16 6.68 2.04
CA ARG A 416 -7.77 7.98 1.93
C ARG A 416 -7.92 8.60 3.30
N ARG A 417 -8.12 7.76 4.31
CA ARG A 417 -8.34 8.25 5.66
C ARG A 417 -7.14 8.90 6.30
N ARG A 418 -5.95 8.62 5.75
CA ARG A 418 -4.71 9.20 6.28
C ARG A 418 -4.36 10.57 5.68
N GLN A 419 -4.97 10.91 4.53
CA GLN A 419 -4.90 12.28 3.98
C GLN A 419 -5.94 13.24 4.58
N ARG A 420 -6.59 12.81 5.66
CA ARG A 420 -7.59 13.62 6.33
C ARG A 420 -6.93 14.77 7.09
N LYS A 421 -5.67 14.57 7.47
CA LYS A 421 -4.84 15.63 8.06
C LYS A 421 -4.84 16.84 7.15
N MET A 422 -4.50 16.63 5.87
CA MET A 422 -4.54 17.68 4.87
C MET A 422 -5.96 18.21 4.62
N GLY A 423 -6.96 17.50 5.10
CA GLY A 423 -8.35 17.92 4.92
C GLY A 423 -9.16 17.00 4.03
N GLU A 424 -8.52 16.45 2.97
CA GLU A 424 -9.18 15.56 2.01
C GLU A 424 -9.82 14.28 2.56
N ASP A 425 -10.67 13.68 1.73
CA ASP A 425 -11.51 12.54 2.11
C ASP A 425 -11.80 11.69 0.89
N MET A 426 -12.78 10.77 1.02
CA MET A 426 -13.21 9.86 -0.05
C MET A 426 -13.63 10.61 -1.31
N HIS A 427 -12.93 10.39 -2.42
CA HIS A 427 -13.31 10.97 -3.70
C HIS A 427 -14.62 10.35 -4.17
N THR A 428 -15.02 10.73 -5.38
CA THR A 428 -16.25 10.24 -5.98
C THR A 428 -15.88 9.39 -7.16
N ILE A 429 -16.03 8.08 -6.97
CA ILE A 429 -15.41 7.06 -7.82
C ILE A 429 -16.41 6.10 -8.45
N GLY A 430 -15.93 5.40 -9.48
CA GLY A 430 -16.82 4.66 -10.34
C GLY A 430 -16.07 4.27 -11.59
N PHE A 431 -16.68 3.40 -12.40
CA PHE A 431 -15.95 2.82 -13.51
C PHE A 431 -16.87 2.44 -14.62
N GLY A 432 -16.24 2.12 -15.74
CA GLY A 432 -16.97 1.81 -16.95
C GLY A 432 -16.24 0.68 -17.62
N ILE A 433 -16.98 -0.07 -18.42
CA ILE A 433 -16.41 -1.23 -19.07
C ILE A 433 -16.64 -1.14 -20.58
N TYR A 434 -15.56 -1.38 -21.32
CA TYR A 434 -15.64 -1.42 -22.77
C TYR A 434 -15.29 -2.80 -23.35
N GLU A 435 -15.93 -3.09 -24.47
CA GLU A 435 -15.65 -4.28 -25.24
C GLU A 435 -14.45 -3.99 -26.14
N VAL A 436 -13.32 -4.65 -25.93
CA VAL A 436 -12.22 -4.47 -26.90
C VAL A 436 -12.64 -5.06 -28.25
N PRO A 437 -12.48 -4.29 -29.32
CA PRO A 437 -12.86 -4.65 -30.68
C PRO A 437 -12.07 -5.85 -31.18
N GLU A 438 -12.71 -6.72 -31.96
CA GLU A 438 -12.17 -8.05 -32.19
C GLU A 438 -10.85 -8.13 -32.93
N GLU A 439 -10.33 -6.98 -33.29
CA GLU A 439 -9.11 -6.89 -34.07
C GLU A 439 -7.94 -6.54 -33.16
N LEU A 440 -8.23 -6.19 -31.91
CA LEU A 440 -7.20 -6.02 -30.89
C LEU A 440 -6.97 -7.32 -30.10
N THR A 441 -8.05 -8.08 -29.92
CA THR A 441 -8.01 -9.49 -29.52
C THR A 441 -6.64 -10.20 -29.68
N GLY A 442 -5.98 -10.04 -30.82
CA GLY A 442 -4.63 -10.58 -30.99
C GLY A 442 -3.49 -9.66 -30.52
N GLN A 443 -3.59 -9.09 -29.29
CA GLN A 443 -2.59 -8.10 -28.81
C GLN A 443 -2.37 -7.81 -27.30
N THR A 444 -1.10 -7.63 -26.96
CA THR A 444 -0.63 -7.29 -25.61
C THR A 444 -0.66 -5.77 -25.34
N ASN A 445 -0.07 -5.01 -26.25
CA ASN A 445 0.06 -3.54 -26.19
C ASN A 445 -1.26 -2.79 -26.32
N ILE A 446 -2.32 -3.38 -25.80
CA ILE A 446 -3.66 -3.00 -26.19
C ILE A 446 -4.18 -1.89 -25.29
N HIS A 447 -4.02 -0.66 -25.77
CA HIS A 447 -4.48 0.50 -25.05
C HIS A 447 -5.55 1.19 -25.89
N LEU A 448 -6.55 1.78 -25.24
CA LEU A 448 -7.70 2.36 -25.95
C LEU A 448 -7.65 3.89 -26.12
N SER A 449 -7.72 4.32 -27.39
CA SER A 449 -7.52 5.72 -27.76
C SER A 449 -8.55 6.72 -27.25
N LYS A 450 -8.14 7.99 -27.22
CA LYS A 450 -9.06 9.10 -26.96
C LYS A 450 -10.26 9.03 -27.91
N ASN A 451 -9.98 8.96 -29.20
CA ASN A 451 -11.07 8.87 -30.15
C ASN A 451 -11.87 7.59 -30.05
N PHE A 452 -11.26 6.52 -29.53
CA PHE A 452 -12.01 5.29 -29.34
C PHE A 452 -13.17 5.55 -28.38
N PHE A 453 -12.91 6.14 -27.23
CA PHE A 453 -13.99 6.46 -26.30
C PHE A 453 -14.99 7.49 -26.83
N LEU A 454 -14.67 8.19 -27.92
CA LEU A 454 -15.66 9.13 -28.47
C LEU A 454 -16.63 8.46 -29.44
N THR A 455 -16.29 7.24 -29.86
CA THR A 455 -17.13 6.51 -30.83
C THR A 455 -17.80 5.29 -30.26
N THR A 456 -17.52 4.97 -29.00
CA THR A 456 -18.06 3.76 -28.39
C THR A 456 -18.58 3.95 -26.99
N ARG A 457 -19.88 3.71 -26.84
CA ARG A 457 -20.51 3.68 -25.54
C ARG A 457 -19.87 2.57 -24.76
N ALA A 458 -19.81 2.73 -23.45
CA ALA A 458 -19.45 1.67 -22.54
C ALA A 458 -20.46 0.48 -22.64
N ARG A 459 -19.96 -0.72 -22.38
CA ARG A 459 -20.84 -1.89 -22.51
C ARG A 459 -21.57 -2.14 -21.18
N GLU A 460 -20.86 -1.91 -20.07
CA GLU A 460 -21.42 -1.93 -18.73
C GLU A 460 -20.63 -0.95 -17.86
N ARG A 461 -21.10 -0.68 -16.65
CA ARG A 461 -20.55 0.41 -15.84
C ARG A 461 -21.05 0.33 -14.41
N SER A 462 -20.32 0.94 -13.47
CA SER A 462 -20.81 1.05 -12.08
C SER A 462 -22.18 1.73 -11.99
N ASP A 463 -22.90 1.43 -10.91
CA ASP A 463 -24.24 1.99 -10.70
C ASP A 463 -24.26 3.50 -10.89
N THR A 464 -23.44 4.20 -10.12
CA THR A 464 -23.15 5.60 -10.35
C THR A 464 -21.73 5.83 -9.95
N PHE A 465 -21.35 7.10 -9.84
CA PHE A 465 -20.18 7.44 -9.05
C PHE A 465 -20.62 8.02 -7.70
N ILE A 466 -20.08 7.44 -6.65
CA ILE A 466 -20.45 7.79 -5.32
C ILE A 466 -19.16 8.03 -4.56
N ASN A 467 -19.25 8.81 -3.49
CA ASN A 467 -18.11 9.04 -2.63
C ASN A 467 -17.96 7.98 -1.50
N LEU A 468 -18.24 6.72 -1.82
CA LEU A 468 -17.89 5.61 -0.95
C LEU A 468 -16.43 5.20 -1.16
N ARG A 469 -15.83 4.61 -0.13
CA ARG A 469 -14.46 4.09 -0.23
C ARG A 469 -14.37 2.95 -1.20
N GLU A 470 -15.35 2.08 -1.25
CA GLU A 470 -15.38 1.10 -2.32
C GLU A 470 -16.70 1.13 -3.07
N VAL A 471 -16.62 1.12 -4.39
CA VAL A 471 -17.81 0.87 -5.19
C VAL A 471 -17.64 -0.48 -5.91
N LEU A 472 -18.57 -1.42 -5.70
CA LEU A 472 -18.53 -2.77 -6.31
C LEU A 472 -19.90 -3.34 -6.70
N ASN A 473 -20.04 -3.73 -7.97
CA ASN A 473 -21.30 -4.26 -8.52
C ASN A 473 -21.09 -5.60 -9.19
N ARG A 474 -22.17 -6.35 -9.38
CA ARG A 474 -22.05 -7.62 -10.11
C ARG A 474 -22.53 -7.47 -11.56
N PHE A 475 -21.86 -8.18 -12.48
CA PHE A 475 -22.16 -8.09 -13.89
C PHE A 475 -22.28 -9.44 -14.58
N LYS A 476 -22.80 -9.43 -15.80
CA LYS A 476 -22.85 -10.64 -16.62
C LYS A 476 -22.79 -10.29 -18.10
N LEU A 477 -21.66 -10.62 -18.73
CA LEU A 477 -21.44 -10.30 -20.13
C LEU A 477 -21.01 -11.54 -20.92
N PRO A 478 -21.10 -11.48 -22.28
CA PRO A 478 -20.62 -12.60 -23.08
C PRO A 478 -19.09 -12.81 -22.96
N PRO A 479 -18.59 -14.05 -23.11
CA PRO A 479 -17.14 -14.27 -23.05
C PRO A 479 -16.41 -13.40 -24.06
N GLY A 480 -15.28 -12.84 -23.67
CA GLY A 480 -14.48 -11.99 -24.53
C GLY A 480 -13.53 -11.13 -23.72
N GLU A 481 -12.90 -10.19 -24.41
CA GLU A 481 -11.94 -9.31 -23.78
C GLU A 481 -12.55 -7.96 -23.55
N TYR A 482 -12.28 -7.37 -22.38
CA TYR A 482 -12.94 -6.14 -21.94
C TYR A 482 -12.00 -5.21 -21.19
N VAL A 483 -12.15 -3.89 -21.39
CA VAL A 483 -11.30 -2.97 -20.66
C VAL A 483 -12.00 -2.27 -19.52
N LEU A 484 -11.35 -2.29 -18.38
CA LEU A 484 -11.94 -1.74 -17.22
C LEU A 484 -11.34 -0.34 -17.01
N VAL A 485 -12.19 0.69 -16.87
CA VAL A 485 -11.65 2.04 -16.69
C VAL A 485 -12.06 2.74 -15.38
N PRO A 486 -11.18 2.67 -14.38
CA PRO A 486 -11.56 3.23 -13.11
C PRO A 486 -11.22 4.75 -13.09
N SER A 487 -11.95 5.53 -12.29
CA SER A 487 -11.84 6.98 -12.38
C SER A 487 -12.62 7.66 -11.30
N THR A 488 -12.36 8.95 -11.15
CA THR A 488 -13.17 9.80 -10.32
C THR A 488 -14.11 10.37 -11.31
N PHE A 489 -15.12 11.06 -10.81
CA PHE A 489 -16.09 11.70 -11.66
C PHE A 489 -15.44 12.91 -12.32
N GLU A 490 -14.87 13.80 -11.50
CA GLU A 490 -14.10 14.94 -12.00
C GLU A 490 -12.64 14.56 -12.26
N PRO A 491 -12.01 15.12 -13.32
CA PRO A 491 -10.57 14.90 -13.45
C PRO A 491 -9.74 15.55 -12.35
N HIS A 492 -8.43 15.41 -12.49
CA HIS A 492 -7.42 16.16 -11.71
C HIS A 492 -7.37 15.91 -10.21
N LYS A 493 -8.16 14.93 -9.77
CA LYS A 493 -8.14 14.39 -8.39
C LYS A 493 -7.02 13.35 -8.16
N ASN A 494 -6.18 13.59 -7.15
CA ASN A 494 -5.11 12.65 -6.80
C ASN A 494 -5.54 11.54 -5.83
N GLY A 495 -5.08 10.32 -6.06
CA GLY A 495 -5.45 9.22 -5.18
C GLY A 495 -5.02 7.89 -5.73
N ASP A 496 -4.69 6.96 -4.82
CA ASP A 496 -4.41 5.53 -5.10
C ASP A 496 -5.62 4.63 -5.01
N PHE A 497 -5.68 3.60 -5.83
CA PHE A 497 -6.75 2.60 -5.66
C PHE A 497 -6.23 1.17 -5.93
N CYS A 498 -7.04 0.19 -5.59
CA CYS A 498 -6.87 -1.17 -6.13
C CYS A 498 -8.22 -1.80 -6.52
N ILE A 499 -8.14 -2.79 -7.40
CA ILE A 499 -9.35 -3.44 -7.93
C ILE A 499 -9.41 -4.95 -7.64
N ARG A 500 -10.53 -5.45 -7.13
CA ARG A 500 -10.76 -6.87 -7.05
C ARG A 500 -11.70 -7.24 -8.18
N VAL A 501 -11.24 -8.06 -9.13
CA VAL A 501 -12.15 -8.73 -10.06
C VAL A 501 -12.38 -10.19 -9.68
N PHE A 502 -13.65 -10.51 -9.43
CA PHE A 502 -14.09 -11.85 -9.07
C PHE A 502 -14.77 -12.50 -10.25
N SER A 503 -14.17 -13.57 -10.74
CA SER A 503 -14.74 -14.33 -11.85
C SER A 503 -15.48 -15.54 -11.32
N GLU A 504 -16.68 -15.79 -11.83
CA GLU A 504 -17.27 -17.10 -11.67
C GLU A 504 -16.53 -18.11 -12.56
N LYS A 505 -16.23 -19.28 -11.98
CA LYS A 505 -15.48 -20.35 -12.64
C LYS A 505 -16.18 -21.70 -12.48
N LYS A 506 -15.99 -22.59 -13.46
CA LYS A 506 -16.53 -23.97 -13.35
C LYS A 506 -15.46 -25.04 -13.01
N ALA A 507 -15.58 -25.63 -11.81
CA ALA A 507 -14.47 -26.35 -11.14
C ALA A 507 -13.77 -27.42 -11.95
N ASP A 508 -12.92 -26.98 -12.88
CA ASP A 508 -12.10 -27.90 -13.66
C ASP A 508 -10.75 -27.25 -13.97
N TYR A 509 -10.50 -26.16 -13.23
CA TYR A 509 -9.29 -25.36 -13.36
C TYR A 509 -9.02 -24.77 -11.98
N GLN A 510 -8.11 -23.78 -11.95
CA GLN A 510 -7.82 -22.91 -10.80
C GLN A 510 -7.08 -23.62 -9.68
N THR A 511 -6.38 -22.84 -8.86
CA THR A 511 -5.18 -23.29 -8.16
C THR A 511 -3.98 -22.91 -9.07
N VAL A 512 -4.28 -22.35 -10.25
CA VAL A 512 -3.27 -21.95 -11.27
C VAL A 512 -2.75 -20.54 -10.97
N ASP A 513 -1.46 -20.44 -10.68
CA ASP A 513 -0.90 -19.17 -10.21
C ASP A 513 0.32 -18.67 -11.00
N ASP A 514 0.03 -17.75 -11.91
CA ASP A 514 1.02 -16.94 -12.62
C ASP A 514 2.16 -16.43 -11.72
N GLU A 515 3.35 -16.31 -12.29
CA GLU A 515 4.53 -16.02 -11.50
C GLU A 515 5.62 -15.26 -12.26
N ILE A 516 6.16 -14.25 -11.58
CA ILE A 516 7.38 -13.58 -11.94
C ILE A 516 8.14 -14.30 -13.05
N GLU A 517 8.10 -13.79 -14.28
CA GLU A 517 8.87 -14.37 -15.39
C GLU A 517 9.44 -13.26 -16.27
N ALA A 518 10.57 -13.53 -16.94
CA ALA A 518 11.14 -12.59 -17.90
C ALA A 518 11.09 -13.14 -19.31
N ASN A 519 11.82 -12.49 -20.24
CA ASN A 519 11.88 -12.82 -21.67
C ASN A 519 12.90 -12.03 -22.46
N ILE A 520 14.16 -12.43 -22.35
CA ILE A 520 15.26 -12.01 -23.24
C ILE A 520 14.92 -12.13 -24.74
N GLU A 521 15.74 -11.49 -25.57
CA GLU A 521 15.69 -11.66 -27.01
C GLU A 521 17.12 -11.61 -27.51
N GLU A 522 18.00 -12.20 -26.72
CA GLU A 522 19.44 -12.16 -26.94
C GLU A 522 19.86 -12.85 -28.25
N ILE A 523 19.78 -12.13 -29.36
CA ILE A 523 20.25 -12.69 -30.64
C ILE A 523 21.18 -11.73 -31.35
N GLU A 524 21.62 -12.15 -32.53
CA GLU A 524 22.43 -11.37 -33.47
C GLU A 524 23.88 -11.21 -33.00
N ALA A 525 24.57 -12.34 -33.01
CA ALA A 525 26.01 -12.40 -33.00
C ALA A 525 26.50 -12.47 -34.46
N ASN A 526 27.82 -12.61 -34.65
CA ASN A 526 28.44 -12.76 -35.97
C ASN A 526 28.21 -11.56 -36.89
N GLU A 527 29.05 -11.46 -37.92
CA GLU A 527 28.98 -10.36 -38.90
C GLU A 527 27.72 -10.41 -39.77
N GLU A 528 27.27 -11.62 -40.08
CA GLU A 528 26.09 -11.88 -40.89
C GLU A 528 24.84 -11.14 -40.43
N ASP A 529 24.65 -11.05 -39.11
CA ASP A 529 23.47 -10.43 -38.48
C ASP A 529 23.71 -8.95 -38.17
N ILE A 530 24.97 -8.62 -37.90
CA ILE A 530 25.42 -7.23 -37.75
C ILE A 530 25.34 -6.54 -39.12
N GLY A 531 25.46 -5.21 -39.14
CA GLY A 531 25.40 -4.45 -40.39
C GLY A 531 26.67 -3.69 -40.68
N ASP A 532 26.91 -3.45 -41.97
CA ASP A 532 28.08 -2.67 -42.41
C ASP A 532 27.99 -1.20 -42.04
N GLY A 533 26.77 -0.73 -41.76
CA GLY A 533 26.57 0.64 -41.26
C GLY A 533 27.12 0.72 -39.85
N PHE A 534 26.58 -0.12 -38.97
CA PHE A 534 27.11 -0.30 -37.60
C PHE A 534 28.62 -0.60 -37.69
N ARG A 535 29.01 -1.52 -38.58
CA ARG A 535 30.42 -1.89 -38.77
C ARG A 535 31.29 -0.66 -39.02
N ARG A 536 30.81 0.20 -39.90
CA ARG A 536 31.53 1.41 -40.25
C ARG A 536 31.44 2.44 -39.12
N LEU A 537 30.28 2.55 -38.51
CA LEU A 537 30.04 3.59 -37.50
C LEU A 537 30.67 3.31 -36.15
N PHE A 538 30.85 2.03 -35.86
CA PHE A 538 31.62 1.56 -34.71
C PHE A 538 33.03 2.18 -34.77
N ALA A 539 33.72 1.96 -35.90
CA ALA A 539 35.07 2.46 -36.13
C ALA A 539 35.19 3.93 -35.76
N GLN A 540 34.19 4.72 -36.16
CA GLN A 540 34.14 6.15 -35.85
C GLN A 540 34.20 6.44 -34.36
N LEU A 541 33.15 6.03 -33.65
CA LEU A 541 32.95 6.46 -32.28
C LEU A 541 33.98 5.96 -31.29
N ALA A 542 34.49 4.75 -31.53
CA ALA A 542 35.44 4.14 -30.63
C ALA A 542 36.68 5.02 -30.48
N GLY A 543 37.24 5.41 -31.63
CA GLY A 543 38.47 6.17 -31.68
C GLY A 543 39.64 5.28 -31.35
N GLU A 544 40.60 5.85 -30.61
CA GLU A 544 41.89 5.21 -30.31
C GLU A 544 41.82 3.91 -29.48
N ASP A 545 41.31 3.98 -28.24
CA ASP A 545 41.28 2.80 -27.35
C ASP A 545 40.51 1.61 -27.92
N ALA A 546 39.98 1.79 -29.14
CA ALA A 546 39.38 0.76 -30.01
C ALA A 546 38.04 0.18 -29.54
N GLU A 547 38.00 -0.34 -28.31
CA GLU A 547 36.71 -0.72 -27.69
C GLU A 547 36.09 0.58 -27.15
N ILE A 548 34.76 0.63 -27.04
CA ILE A 548 34.09 1.83 -26.54
C ILE A 548 34.07 1.81 -25.02
N SER A 549 34.75 2.79 -24.43
CA SER A 549 34.91 2.89 -22.99
C SER A 549 33.58 3.20 -22.30
N ALA A 550 33.60 3.20 -20.97
CA ALA A 550 32.41 3.60 -20.20
C ALA A 550 32.21 5.11 -20.28
N PHE A 551 33.32 5.83 -20.20
CA PHE A 551 33.28 7.29 -20.37
C PHE A 551 32.92 7.63 -21.80
N GLU A 552 33.20 6.75 -22.73
CA GLU A 552 32.83 7.00 -24.11
C GLU A 552 31.33 6.84 -24.32
N LEU A 553 30.75 5.79 -23.77
CA LEU A 553 29.31 5.57 -23.91
C LEU A 553 28.52 6.67 -23.26
N GLN A 554 29.13 7.36 -22.30
CA GLN A 554 28.40 8.42 -21.60
C GLN A 554 28.26 9.66 -22.48
N THR A 555 29.35 10.02 -23.14
CA THR A 555 29.34 11.07 -24.12
C THR A 555 28.25 10.75 -25.13
N ILE A 556 28.15 9.49 -25.54
CA ILE A 556 27.15 9.09 -26.53
C ILE A 556 25.74 9.32 -25.99
N LEU A 557 25.48 8.86 -24.77
CA LEU A 557 24.15 8.97 -24.20
C LEU A 557 23.68 10.40 -23.99
N ARG A 558 24.63 11.31 -23.77
CA ARG A 558 24.29 12.70 -23.51
C ARG A 558 23.91 13.35 -24.81
N ARG A 559 24.67 13.02 -25.85
CA ARG A 559 24.44 13.50 -27.20
C ARG A 559 23.00 13.16 -27.57
N VAL A 560 22.63 11.88 -27.54
CA VAL A 560 21.25 11.52 -27.88
C VAL A 560 20.28 12.28 -26.97
N LEU A 561 20.68 12.46 -25.73
CA LEU A 561 19.83 13.12 -24.74
C LEU A 561 19.56 14.57 -25.14
N ALA A 562 20.55 15.22 -25.72
CA ALA A 562 20.43 16.57 -26.20
C ALA A 562 20.08 16.60 -27.69
N LYS A 563 19.72 15.45 -28.24
CA LYS A 563 19.24 15.42 -29.61
C LYS A 563 17.75 15.21 -29.57
N ARG A 564 17.31 14.23 -28.79
CA ARG A 564 15.90 13.87 -28.80
C ARG A 564 15.07 14.84 -27.97
N GLU A 565 14.03 15.37 -28.61
CA GLU A 565 13.24 16.49 -28.08
C GLU A 565 12.41 15.97 -26.91
N ASP A 566 11.61 14.94 -27.19
CA ASP A 566 10.97 14.10 -26.20
C ASP A 566 12.03 13.51 -25.26
N ILE A 567 11.74 12.40 -24.60
CA ILE A 567 12.75 11.75 -23.76
C ILE A 567 13.36 12.71 -22.74
N LYS A 568 12.56 13.16 -21.77
CA LYS A 568 13.08 13.86 -20.61
C LYS A 568 14.15 13.00 -19.89
N SER A 569 15.24 13.62 -19.47
CA SER A 569 16.27 12.94 -18.70
C SER A 569 16.98 13.86 -17.74
N ASP A 570 17.29 13.31 -16.58
CA ASP A 570 18.23 13.90 -15.64
C ASP A 570 19.65 14.00 -16.22
N GLY A 571 19.96 13.15 -17.20
CA GLY A 571 21.34 12.84 -17.57
C GLY A 571 21.72 11.42 -17.12
N PHE A 572 22.52 10.75 -17.94
CA PHE A 572 23.05 9.43 -17.63
C PHE A 572 24.37 9.53 -16.81
N SER A 573 24.33 9.07 -15.55
CA SER A 573 25.52 9.09 -14.68
C SER A 573 26.54 8.05 -15.13
N ILE A 574 27.80 8.25 -14.76
CA ILE A 574 28.85 7.30 -15.08
C ILE A 574 28.62 5.95 -14.38
N GLU A 575 28.09 5.98 -13.15
CA GLU A 575 27.90 4.75 -12.39
C GLU A 575 26.97 3.83 -13.17
N THR A 576 26.20 4.40 -14.09
CA THR A 576 25.21 3.66 -14.89
C THR A 576 25.82 3.05 -16.16
N CYS A 577 26.59 3.86 -16.88
CA CYS A 577 27.32 3.41 -18.06
C CYS A 577 28.29 2.27 -17.73
N LYS A 578 28.98 2.35 -16.60
CA LYS A 578 29.91 1.29 -16.20
C LYS A 578 29.11 -0.01 -16.14
N ILE A 579 27.93 0.10 -15.52
CA ILE A 579 26.98 -0.99 -15.42
C ILE A 579 26.57 -1.52 -16.78
N MET A 580 26.45 -0.65 -17.78
CA MET A 580 26.07 -1.13 -19.11
C MET A 580 27.14 -1.97 -19.77
N VAL A 581 28.39 -1.60 -19.54
CA VAL A 581 29.52 -2.38 -20.04
C VAL A 581 29.56 -3.72 -19.31
N ASP A 582 29.70 -3.65 -17.98
CA ASP A 582 29.75 -4.82 -17.16
C ASP A 582 28.34 -5.36 -17.25
N MET A 583 27.97 -5.75 -18.46
CA MET A 583 26.69 -6.42 -18.72
C MET A 583 26.88 -7.12 -20.04
N LEU A 584 27.46 -6.41 -20.99
CA LEU A 584 27.65 -6.94 -22.32
C LEU A 584 29.13 -7.18 -22.52
N ASP A 585 29.86 -7.18 -21.41
CA ASP A 585 31.31 -7.40 -21.42
C ASP A 585 31.64 -8.91 -21.24
N GLU A 586 31.03 -9.75 -22.09
CA GLU A 586 31.17 -11.23 -22.06
C GLU A 586 32.64 -11.74 -22.04
N ASP A 587 33.49 -11.19 -22.92
CA ASP A 587 34.90 -11.61 -22.99
C ASP A 587 35.66 -11.27 -21.71
N GLY A 588 35.28 -10.17 -21.07
CA GLY A 588 35.85 -9.81 -19.78
C GLY A 588 36.52 -8.46 -19.66
N SER A 589 37.27 -8.04 -20.70
CA SER A 589 37.99 -6.74 -20.78
C SER A 589 37.21 -5.47 -20.36
N GLY A 590 37.94 -4.39 -20.05
CA GLY A 590 37.30 -3.17 -19.54
C GLY A 590 36.07 -2.63 -20.31
N LYS A 591 36.13 -2.72 -21.62
CA LYS A 591 35.28 -1.92 -22.49
C LYS A 591 34.46 -2.76 -23.47
N LEU A 592 33.77 -2.07 -24.38
CA LEU A 592 32.80 -2.68 -25.29
C LEU A 592 33.27 -2.76 -26.74
N GLY A 593 33.48 -3.99 -27.21
CA GLY A 593 33.84 -4.25 -28.61
C GLY A 593 32.59 -4.33 -29.46
N LEU A 594 32.78 -4.41 -30.78
CA LEU A 594 31.68 -4.36 -31.78
C LEU A 594 30.43 -5.19 -31.42
N LYS A 595 30.50 -6.51 -31.56
CA LYS A 595 29.43 -7.41 -31.12
C LYS A 595 28.88 -6.98 -29.76
N GLU A 596 29.76 -6.85 -28.77
CA GLU A 596 29.37 -6.32 -27.44
C GLU A 596 28.60 -4.98 -27.57
N PHE A 597 29.13 -4.02 -28.33
CA PHE A 597 28.42 -2.76 -28.53
C PHE A 597 27.18 -2.86 -29.43
N TYR A 598 27.26 -3.64 -30.49
CA TYR A 598 26.10 -3.83 -31.35
C TYR A 598 24.91 -4.33 -30.56
N ILE A 599 25.15 -5.25 -29.63
CA ILE A 599 24.06 -5.71 -28.79
C ILE A 599 23.57 -4.55 -27.93
N LEU A 600 24.50 -3.84 -27.30
CA LEU A 600 24.11 -2.76 -26.43
C LEU A 600 23.19 -1.79 -27.16
N TRP A 601 23.57 -1.41 -28.39
CA TRP A 601 22.75 -0.48 -29.14
C TRP A 601 21.36 -0.98 -29.45
N THR A 602 21.25 -2.21 -29.96
CA THR A 602 19.94 -2.79 -30.30
C THR A 602 19.04 -2.81 -29.07
N LYS A 603 19.65 -2.82 -27.91
CA LYS A 603 18.93 -2.91 -26.66
C LYS A 603 18.40 -1.51 -26.31
N ILE A 604 19.25 -0.50 -26.44
CA ILE A 604 18.85 0.89 -26.26
C ILE A 604 17.86 1.35 -27.31
N GLN A 605 17.97 0.81 -28.53
CA GLN A 605 17.01 1.02 -29.59
C GLN A 605 15.60 0.60 -29.19
N LYS A 606 15.49 -0.55 -28.51
CA LYS A 606 14.19 -1.13 -28.18
C LYS A 606 13.66 -0.54 -26.89
N TYR A 607 14.54 -0.22 -25.96
CA TYR A 607 14.10 0.46 -24.75
C TYR A 607 13.46 1.78 -25.15
N GLN A 608 13.86 2.25 -26.32
CA GLN A 608 13.44 3.53 -26.81
C GLN A 608 12.12 3.40 -27.56
N LYS A 609 12.04 2.42 -28.46
CA LYS A 609 10.80 2.08 -29.16
C LYS A 609 9.63 1.90 -28.18
N ILE A 610 9.81 1.09 -27.14
CA ILE A 610 8.82 0.89 -26.05
C ILE A 610 8.41 2.22 -25.37
N TYR A 611 9.41 2.94 -24.87
CA TYR A 611 9.23 4.24 -24.24
C TYR A 611 8.41 5.15 -25.14
N ARG A 612 8.81 5.25 -26.41
CA ARG A 612 8.04 5.98 -27.38
C ARG A 612 6.63 5.39 -27.37
N GLU A 613 6.49 4.15 -27.80
CA GLU A 613 5.15 3.59 -28.06
C GLU A 613 4.21 3.66 -26.87
N ILE A 614 4.75 3.46 -25.67
CA ILE A 614 3.96 3.56 -24.46
C ILE A 614 3.61 5.01 -24.05
N ASP A 615 4.48 5.99 -24.37
CA ASP A 615 4.31 7.37 -23.90
C ASP A 615 3.23 8.07 -24.69
N VAL A 616 1.98 7.74 -24.38
CA VAL A 616 0.82 8.11 -25.16
C VAL A 616 0.34 9.50 -24.82
N ASP A 617 1.00 10.14 -23.84
CA ASP A 617 0.77 11.57 -23.54
C ASP A 617 2.01 12.44 -23.84
N ARG A 618 2.95 11.86 -24.56
CA ARG A 618 4.22 12.48 -24.93
C ARG A 618 4.94 13.36 -23.87
N SER A 619 4.55 13.20 -22.61
CA SER A 619 5.30 13.73 -21.46
C SER A 619 6.82 13.54 -21.61
N GLY A 620 7.23 12.44 -22.24
CA GLY A 620 8.63 12.16 -22.47
C GLY A 620 9.09 11.44 -21.26
N THR A 621 8.11 10.92 -20.50
CA THR A 621 8.34 10.27 -19.20
C THR A 621 7.32 9.15 -18.94
N MET A 622 7.70 8.19 -18.07
CA MET A 622 6.83 7.06 -17.69
C MET A 622 6.16 7.24 -16.33
N ASN A 623 4.85 7.39 -16.34
CA ASN A 623 4.08 7.44 -15.11
C ASN A 623 3.88 6.00 -14.62
N SER A 624 3.27 5.83 -13.45
CA SER A 624 3.03 4.49 -12.85
C SER A 624 2.50 3.45 -13.84
N TYR A 625 1.29 3.70 -14.33
CA TYR A 625 0.64 2.85 -15.28
C TYR A 625 1.54 2.57 -16.47
N GLU A 626 2.07 3.62 -17.09
CA GLU A 626 2.94 3.43 -18.24
C GLU A 626 4.07 2.44 -17.96
N MET A 627 4.69 2.58 -16.78
CA MET A 627 5.81 1.72 -16.39
C MET A 627 5.42 0.23 -16.43
N ARG A 628 4.41 -0.13 -15.63
CA ARG A 628 3.72 -1.39 -15.70
C ARG A 628 3.55 -1.88 -17.13
N LYS A 629 3.13 -1.05 -18.06
CA LYS A 629 2.91 -1.48 -19.45
C LYS A 629 4.23 -1.59 -20.27
N ALA A 630 5.20 -0.76 -19.88
CA ALA A 630 6.51 -0.75 -20.53
C ALA A 630 7.28 -2.03 -20.16
N LEU A 631 7.31 -2.35 -18.85
CA LEU A 631 7.85 -3.61 -18.33
C LEU A 631 7.24 -4.83 -19.02
N GLU A 632 5.91 -4.86 -19.12
CA GLU A 632 5.25 -5.94 -19.83
C GLU A 632 5.67 -6.00 -21.28
N GLU A 633 5.80 -4.86 -21.94
CA GLU A 633 6.15 -4.88 -23.36
C GLU A 633 7.60 -5.37 -23.49
N ALA A 634 8.38 -5.17 -22.44
CA ALA A 634 9.78 -5.58 -22.42
C ALA A 634 9.98 -7.07 -22.00
N GLY A 635 8.88 -7.81 -21.81
CA GLY A 635 8.99 -9.22 -21.46
C GLY A 635 8.82 -9.58 -19.99
N PHE A 636 9.10 -8.65 -19.08
CA PHE A 636 8.87 -8.92 -17.65
C PHE A 636 7.42 -9.07 -17.26
N LYS A 637 7.16 -9.93 -16.28
CA LYS A 637 5.83 -10.19 -15.78
C LYS A 637 5.94 -10.20 -14.25
N LEU A 638 5.56 -9.09 -13.63
CA LEU A 638 5.77 -8.89 -12.19
C LEU A 638 4.43 -8.79 -11.43
N PRO A 639 4.42 -9.21 -10.14
CA PRO A 639 3.26 -8.99 -9.26
C PRO A 639 3.19 -7.50 -8.86
N CYS A 640 2.05 -7.07 -8.31
CA CYS A 640 1.87 -5.65 -7.99
C CYS A 640 2.87 -5.18 -6.96
N GLN A 641 3.03 -5.97 -5.91
CA GLN A 641 4.04 -5.69 -4.91
C GLN A 641 5.31 -5.21 -5.60
N LEU A 642 5.71 -5.91 -6.67
CA LEU A 642 6.94 -5.60 -7.35
C LEU A 642 6.97 -4.36 -8.21
N HIS A 643 6.03 -4.23 -9.12
CA HIS A 643 5.83 -2.95 -9.84
C HIS A 643 5.94 -1.77 -8.86
N GLN A 644 5.24 -1.95 -7.74
CA GLN A 644 5.19 -0.96 -6.71
C GLN A 644 6.53 -0.72 -6.01
N VAL A 645 7.45 -1.66 -6.11
CA VAL A 645 8.79 -1.40 -5.58
C VAL A 645 9.65 -0.65 -6.59
N ILE A 646 9.57 -1.09 -7.85
CA ILE A 646 10.25 -0.47 -8.96
C ILE A 646 9.91 1.02 -8.94
N VAL A 647 8.61 1.30 -9.00
CA VAL A 647 8.13 2.67 -8.87
C VAL A 647 8.76 3.37 -7.67
N ALA A 648 8.48 2.91 -6.45
CA ALA A 648 9.03 3.53 -5.25
C ALA A 648 10.54 3.74 -5.27
N ARG A 649 11.25 3.10 -6.18
CA ARG A 649 12.71 3.10 -6.16
C ARG A 649 13.32 3.86 -7.34
N PHE A 650 12.67 3.83 -8.48
CA PHE A 650 13.23 4.48 -9.64
C PHE A 650 12.51 5.79 -10.01
N ALA A 651 11.55 6.20 -9.19
CA ALA A 651 10.65 7.27 -9.58
C ALA A 651 10.86 8.47 -8.72
N ASP A 652 10.68 9.66 -9.29
CA ASP A 652 10.75 10.87 -8.51
C ASP A 652 9.45 11.07 -7.73
N ASP A 653 9.36 12.20 -7.03
CA ASP A 653 8.24 12.52 -6.15
C ASP A 653 6.87 12.58 -6.80
N GLU A 654 6.82 13.07 -8.04
CA GLU A 654 5.57 13.10 -8.80
C GLU A 654 5.25 11.73 -9.39
N LEU A 655 5.97 10.69 -8.92
CA LEU A 655 5.70 9.29 -9.25
C LEU A 655 6.01 8.99 -10.72
N ILE A 656 7.08 9.58 -11.25
CA ILE A 656 7.43 9.39 -12.67
C ILE A 656 8.90 9.01 -12.93
N ILE A 657 9.17 8.41 -14.10
CA ILE A 657 10.45 7.85 -14.41
C ILE A 657 10.97 8.45 -15.70
N ASP A 658 12.14 9.08 -15.59
CA ASP A 658 12.72 9.75 -16.74
C ASP A 658 13.45 8.68 -17.45
N PHE A 659 13.87 8.93 -18.68
CA PHE A 659 14.43 7.87 -19.54
C PHE A 659 15.61 7.16 -18.93
N ASP A 660 16.52 7.91 -18.30
CA ASP A 660 17.71 7.30 -17.71
C ASP A 660 17.33 6.29 -16.63
N ASN A 661 16.69 6.71 -15.53
CA ASN A 661 16.05 5.74 -14.62
C ASN A 661 15.33 4.58 -15.30
N PHE A 662 14.73 4.81 -16.46
CA PHE A 662 14.02 3.74 -17.14
C PHE A 662 14.98 2.64 -17.61
N VAL A 663 16.11 3.07 -18.15
CA VAL A 663 17.10 2.15 -18.67
C VAL A 663 17.73 1.47 -17.47
N ARG A 664 18.22 2.28 -16.54
CA ARG A 664 18.79 1.74 -15.34
C ARG A 664 17.85 0.63 -14.82
N CYS A 665 16.56 0.89 -14.82
CA CYS A 665 15.61 -0.11 -14.33
C CYS A 665 15.49 -1.35 -15.21
N LEU A 666 15.32 -1.20 -16.51
CA LEU A 666 15.33 -2.36 -17.35
C LEU A 666 16.69 -3.09 -17.42
N VAL A 667 17.79 -2.36 -17.25
CA VAL A 667 19.09 -3.01 -17.16
C VAL A 667 19.17 -3.93 -15.90
N ARG A 668 18.93 -3.33 -14.74
CA ARG A 668 19.10 -4.00 -13.47
C ARG A 668 18.30 -5.29 -13.48
N LEU A 669 17.06 -5.16 -13.87
CA LEU A 669 16.15 -6.25 -13.90
C LEU A 669 16.58 -7.32 -14.94
N GLU A 670 17.10 -6.89 -16.10
CA GLU A 670 17.51 -7.82 -17.15
C GLU A 670 18.76 -8.53 -16.68
N ILE A 671 19.24 -8.16 -15.51
CA ILE A 671 20.46 -8.72 -15.00
C ILE A 671 20.04 -9.66 -13.88
N LEU A 672 19.35 -9.13 -12.89
CA LEU A 672 18.82 -9.94 -11.81
C LEU A 672 18.18 -11.23 -12.34
N PHE A 673 17.27 -11.14 -13.32
CA PHE A 673 16.70 -12.34 -13.90
C PHE A 673 17.78 -13.19 -14.52
N LYS A 674 18.55 -12.57 -15.41
CA LYS A 674 19.62 -13.28 -16.10
C LYS A 674 20.52 -14.03 -15.09
N ILE A 675 21.05 -13.34 -14.08
CA ILE A 675 21.78 -13.99 -12.98
C ILE A 675 21.01 -15.11 -12.25
N PHE A 676 19.68 -15.01 -12.17
CA PHE A 676 18.91 -16.08 -11.51
C PHE A 676 18.89 -17.35 -12.35
N LYS A 677 18.24 -17.31 -13.51
CA LYS A 677 18.43 -18.34 -14.51
C LYS A 677 19.96 -18.58 -14.58
N GLN A 678 20.36 -19.77 -14.95
CA GLN A 678 21.80 -19.98 -15.08
C GLN A 678 22.52 -20.23 -13.79
N LEU A 679 22.13 -19.53 -12.73
CA LEU A 679 22.40 -20.02 -11.37
C LEU A 679 21.32 -21.00 -10.95
N ASP A 680 20.34 -21.25 -11.82
CA ASP A 680 19.22 -22.13 -11.53
C ASP A 680 18.62 -22.63 -12.86
N PRO A 681 19.46 -23.34 -13.63
CA PRO A 681 19.16 -23.64 -15.03
C PRO A 681 17.92 -24.48 -15.29
N GLU A 682 17.60 -25.43 -14.44
CA GLU A 682 16.40 -26.22 -14.74
C GLU A 682 15.17 -25.87 -13.93
N ASN A 683 15.12 -24.64 -13.41
CA ASN A 683 13.87 -24.10 -12.89
C ASN A 683 13.32 -24.58 -11.55
N THR A 684 14.20 -25.11 -10.70
CA THR A 684 13.94 -25.19 -9.28
C THR A 684 13.68 -23.72 -8.95
N GLY A 685 12.46 -23.38 -8.56
CA GLY A 685 12.13 -21.95 -8.39
C GLY A 685 13.08 -21.19 -7.46
N THR A 686 14.18 -21.84 -7.08
CA THR A 686 15.06 -21.42 -5.99
C THR A 686 16.55 -21.41 -6.40
N ILE A 687 17.35 -20.69 -5.62
CA ILE A 687 18.78 -20.43 -5.91
C ILE A 687 19.56 -20.38 -4.58
N GLN A 688 20.85 -20.68 -4.58
CA GLN A 688 21.63 -20.65 -3.33
C GLN A 688 23.02 -20.00 -3.35
N LEU A 689 23.29 -19.15 -2.36
CA LEU A 689 24.45 -18.25 -2.40
C LEU A 689 25.20 -18.17 -1.08
N ASP A 690 26.53 -18.23 -1.18
CA ASP A 690 27.39 -17.89 -0.06
C ASP A 690 27.61 -16.39 0.02
N LEU A 691 28.11 -15.97 1.18
CA LEU A 691 28.23 -14.57 1.52
C LEU A 691 29.04 -13.75 0.55
N ILE A 692 30.29 -14.12 0.29
CA ILE A 692 31.13 -13.27 -0.55
C ILE A 692 30.57 -13.03 -1.96
N SER A 693 30.04 -14.07 -2.59
CA SER A 693 29.55 -13.90 -3.94
C SER A 693 28.12 -13.34 -3.96
N TRP A 694 27.42 -13.49 -2.82
CA TRP A 694 26.11 -12.88 -2.69
C TRP A 694 26.31 -11.39 -2.77
N LEU A 695 27.32 -10.88 -2.04
CA LEU A 695 27.70 -9.47 -2.13
C LEU A 695 28.05 -9.11 -3.57
N SER A 696 28.94 -9.88 -4.18
CA SER A 696 29.35 -9.58 -5.54
C SER A 696 28.24 -9.61 -6.63
N PHE A 697 27.10 -10.25 -6.41
CA PHE A 697 26.00 -10.08 -7.36
C PHE A 697 25.23 -8.86 -6.91
N SER A 698 24.73 -8.94 -5.67
CA SER A 698 23.81 -7.96 -5.11
C SER A 698 24.39 -6.55 -4.98
N VAL A 699 25.68 -6.39 -5.25
CA VAL A 699 26.30 -5.09 -5.20
C VAL A 699 27.04 -4.75 -6.53
N LEU A 700 27.36 -5.75 -7.35
CA LEU A 700 28.12 -5.53 -8.61
C LEU A 700 27.78 -6.53 -9.74
N GLY A 701 28.85 -6.98 -10.42
CA GLY A 701 28.85 -8.06 -11.46
C GLY A 701 27.75 -9.11 -11.43
N SER B 11 20.86 6.96 26.21
CA SER B 11 19.70 7.29 27.09
C SER B 11 19.47 8.79 27.17
N GLU B 12 20.56 9.55 27.09
CA GLU B 12 20.55 10.99 27.29
C GLU B 12 20.74 11.75 25.98
N GLU B 13 21.73 11.30 25.20
CA GLU B 13 22.12 11.95 23.93
C GLU B 13 21.02 11.81 22.88
N GLU B 14 20.24 10.73 23.00
CA GLU B 14 19.11 10.47 22.09
C GLU B 14 18.05 11.57 22.21
N ARG B 15 17.64 11.86 23.44
CA ARG B 15 16.64 12.89 23.72
C ARG B 15 17.09 14.21 23.11
N GLN B 16 18.35 14.56 23.31
CA GLN B 16 18.92 15.77 22.74
C GLN B 16 19.34 15.61 21.27
N PHE B 17 19.10 14.43 20.69
CA PHE B 17 19.32 14.19 19.27
C PHE B 17 17.99 14.20 18.50
N ARG B 18 17.01 13.45 19.00
CA ARG B 18 15.65 13.43 18.45
C ARG B 18 15.04 14.83 18.41
N LYS B 19 15.40 15.62 19.43
CA LYS B 19 14.87 16.97 19.58
C LYS B 19 15.10 17.84 18.36
N LEU B 20 16.00 17.43 17.48
CA LEU B 20 16.34 18.23 16.32
C LEU B 20 16.43 17.44 14.99
N PHE B 21 16.17 16.14 15.06
CA PHE B 21 15.86 15.36 13.87
C PHE B 21 14.61 15.95 13.22
N VAL B 22 13.73 16.46 14.07
CA VAL B 22 12.44 16.98 13.66
C VAL B 22 12.56 18.24 12.81
N GLN B 23 13.43 19.16 13.21
CA GLN B 23 13.50 20.49 12.61
C GLN B 23 13.85 20.44 11.13
N LEU B 24 14.25 19.26 10.64
CA LEU B 24 14.62 19.08 9.24
C LEU B 24 13.95 17.88 8.60
N ALA B 25 13.14 17.18 9.40
CA ALA B 25 12.31 16.06 8.94
C ALA B 25 11.17 16.56 8.06
N GLY B 26 11.03 17.88 8.00
CA GLY B 26 9.85 18.50 7.43
C GLY B 26 8.75 18.35 8.43
N ASP B 27 7.54 18.14 7.94
CA ASP B 27 6.39 17.89 8.82
C ASP B 27 5.45 16.78 8.34
N ASP B 28 5.98 15.88 7.52
CA ASP B 28 5.38 14.55 7.36
C ASP B 28 6.23 13.63 8.23
N MET B 29 7.01 14.28 9.10
CA MET B 29 7.94 13.68 10.06
C MET B 29 9.08 12.78 9.53
N GLU B 30 9.03 12.43 8.25
CA GLU B 30 10.03 11.55 7.69
C GLU B 30 10.95 12.29 6.71
N VAL B 31 12.11 11.69 6.46
CA VAL B 31 13.15 12.27 5.66
C VAL B 31 13.00 11.80 4.25
N SER B 32 12.91 12.76 3.32
CA SER B 32 12.86 12.47 1.88
C SER B 32 14.25 12.36 1.25
N ALA B 33 14.36 11.55 0.19
CA ALA B 33 15.56 11.49 -0.66
C ALA B 33 16.11 12.89 -1.08
N THR B 34 15.21 13.80 -1.42
CA THR B 34 15.58 15.19 -1.75
C THR B 34 16.08 15.92 -0.51
N GLU B 35 15.35 15.73 0.60
CA GLU B 35 15.73 16.32 1.85
C GLU B 35 17.04 15.73 2.28
N LEU B 36 17.18 14.41 2.23
CA LEU B 36 18.45 13.75 2.58
C LEU B 36 19.63 14.29 1.79
N MET B 37 19.46 14.43 0.47
CA MET B 37 20.42 15.10 -0.38
C MET B 37 20.78 16.46 0.22
N ASN B 38 19.86 17.42 0.11
CA ASN B 38 19.94 18.74 0.76
C ASN B 38 20.77 18.74 2.05
N ILE B 39 20.40 17.89 3.01
CA ILE B 39 21.18 17.73 4.27
C ILE B 39 22.67 17.53 3.99
N LEU B 40 22.96 16.41 3.34
CA LEU B 40 24.32 15.93 3.12
C LEU B 40 25.22 16.93 2.41
N ASN B 41 24.76 17.41 1.27
CA ASN B 41 25.48 18.42 0.53
C ASN B 41 25.76 19.67 1.33
N LYS B 42 24.85 20.00 2.23
CA LYS B 42 25.03 21.11 3.17
C LYS B 42 26.18 20.79 4.17
N VAL B 43 26.37 19.53 4.50
CA VAL B 43 27.36 19.15 5.50
C VAL B 43 28.76 19.04 4.90
N VAL B 44 28.89 18.41 3.73
CA VAL B 44 30.20 18.35 3.06
C VAL B 44 30.83 19.70 2.72
N THR B 45 30.03 20.67 2.28
CA THR B 45 30.56 22.01 1.91
C THR B 45 31.15 22.73 3.12
N ARG B 46 30.60 22.44 4.30
CA ARG B 46 31.18 22.88 5.55
C ARG B 46 32.44 22.06 5.92
N HIS B 47 32.66 20.94 5.23
CA HIS B 47 33.89 20.14 5.42
C HIS B 47 34.66 19.93 4.11
N PRO B 48 35.28 21.01 3.58
CA PRO B 48 35.83 20.94 2.22
C PRO B 48 37.06 20.00 2.14
N ASP B 49 37.45 19.43 3.27
CA ASP B 49 38.63 18.54 3.32
C ASP B 49 38.27 17.09 2.93
N LEU B 50 36.97 16.85 2.67
CA LEU B 50 36.50 15.58 2.07
C LEU B 50 36.08 15.83 0.62
N LYS B 51 36.94 15.48 -0.33
CA LYS B 51 36.64 15.64 -1.77
C LYS B 51 35.37 14.93 -2.15
N THR B 52 34.52 15.66 -2.87
CA THR B 52 33.30 15.10 -3.39
C THR B 52 32.71 15.96 -4.47
N ASP B 53 32.10 15.33 -5.47
CA ASP B 53 31.26 16.03 -6.43
C ASP B 53 29.81 16.22 -5.92
N GLY B 54 29.62 15.99 -4.63
CA GLY B 54 28.31 16.09 -4.00
C GLY B 54 27.50 14.83 -4.17
N PHE B 55 26.47 14.67 -3.34
CA PHE B 55 25.53 13.56 -3.44
C PHE B 55 24.40 13.90 -4.42
N GLY B 56 24.31 13.14 -5.51
CA GLY B 56 23.23 13.30 -6.49
C GLY B 56 21.95 12.62 -6.02
N ILE B 57 20.82 13.07 -6.56
CA ILE B 57 19.52 12.59 -6.14
C ILE B 57 19.40 11.08 -6.18
N ASP B 58 19.89 10.46 -7.25
CA ASP B 58 19.71 9.02 -7.47
C ASP B 58 20.33 8.19 -6.32
N THR B 59 21.48 8.59 -5.80
CA THR B 59 22.11 7.84 -4.73
C THR B 59 21.40 8.05 -3.39
N CYS B 60 20.88 9.25 -3.17
CA CYS B 60 20.07 9.49 -1.99
C CYS B 60 18.77 8.74 -2.05
N ARG B 61 18.33 8.41 -3.24
CA ARG B 61 17.15 7.59 -3.36
C ARG B 61 17.42 6.18 -2.80
N SER B 62 18.52 5.56 -3.20
CA SER B 62 18.79 4.20 -2.75
C SER B 62 19.19 4.13 -1.28
N MET B 63 19.91 5.13 -0.79
CA MET B 63 20.17 5.25 0.64
C MET B 63 18.86 5.16 1.42
N VAL B 64 17.90 6.01 1.04
CA VAL B 64 16.56 5.94 1.60
C VAL B 64 15.92 4.58 1.32
N ALA B 65 16.08 4.04 0.11
CA ALA B 65 15.50 2.74 -0.22
C ALA B 65 15.94 1.68 0.77
N VAL B 66 17.25 1.45 0.85
CA VAL B 66 17.78 0.37 1.68
C VAL B 66 17.58 0.65 3.14
N MET B 67 17.57 1.92 3.53
CA MET B 67 17.37 2.21 4.95
C MET B 67 15.89 2.15 5.31
N ASP B 68 15.03 2.62 4.40
CA ASP B 68 13.59 2.46 4.60
C ASP B 68 13.28 0.97 4.67
N SER B 69 12.49 0.60 5.67
CA SER B 69 12.49 -0.77 6.16
C SER B 69 11.15 -1.15 6.78
N ASP B 70 10.40 -0.16 7.23
CA ASP B 70 8.98 -0.32 7.49
C ASP B 70 8.28 -0.05 6.17
N THR B 71 9.08 0.24 5.15
CA THR B 71 8.63 0.64 3.81
C THR B 71 7.63 1.79 3.76
N THR B 72 7.70 2.76 4.69
CA THR B 72 6.92 4.00 4.51
C THR B 72 7.57 4.86 3.41
N GLY B 73 8.34 4.21 2.53
CA GLY B 73 9.02 4.92 1.45
C GLY B 73 9.98 6.01 1.88
N LYS B 74 9.84 6.53 3.09
CA LYS B 74 10.78 7.51 3.69
C LYS B 74 11.37 7.03 5.03
N LEU B 75 12.43 7.70 5.49
CA LEU B 75 13.15 7.32 6.72
C LEU B 75 12.57 8.04 7.91
N GLY B 76 11.97 7.28 8.83
CA GLY B 76 11.55 7.79 10.14
C GLY B 76 12.72 7.89 11.09
N PHE B 77 12.47 8.08 12.38
CA PHE B 77 13.56 8.36 13.34
C PHE B 77 14.56 7.23 13.42
N GLU B 78 14.12 6.02 13.76
CA GLU B 78 15.04 4.90 13.96
C GLU B 78 15.84 4.51 12.68
N GLU B 79 15.19 4.69 11.55
CA GLU B 79 15.87 4.60 10.26
C GLU B 79 16.90 5.72 10.14
N PHE B 80 16.47 6.98 10.22
CA PHE B 80 17.44 8.06 10.03
C PHE B 80 18.65 7.95 10.96
N LYS B 81 18.39 7.76 12.25
CA LYS B 81 19.40 7.56 13.27
C LYS B 81 20.44 6.51 12.86
N TYR B 82 19.97 5.33 12.46
CA TYR B 82 20.86 4.22 12.08
C TYR B 82 21.75 4.66 10.92
N LEU B 83 21.13 5.17 9.85
CA LEU B 83 21.89 5.68 8.73
C LEU B 83 22.96 6.61 9.21
N TRP B 84 22.54 7.66 9.91
CA TRP B 84 23.49 8.68 10.30
C TRP B 84 24.65 8.06 11.06
N ASN B 85 24.33 7.34 12.13
CA ASN B 85 25.35 6.68 12.92
C ASN B 85 26.39 5.96 12.08
N ASN B 86 25.94 5.28 11.04
CA ASN B 86 26.91 4.69 10.12
C ASN B 86 27.73 5.73 9.37
N ILE B 87 27.09 6.67 8.72
CA ILE B 87 27.86 7.68 8.00
C ILE B 87 29.00 8.23 8.88
N LYS B 88 28.65 8.52 10.15
CA LYS B 88 29.57 9.09 11.12
C LYS B 88 30.74 8.14 11.43
N LYS B 89 30.43 6.85 11.56
CA LYS B 89 31.46 5.82 11.72
C LYS B 89 32.35 5.85 10.49
N TRP B 90 31.74 5.73 9.31
CA TRP B 90 32.51 5.70 8.07
C TRP B 90 33.30 7.01 7.79
N GLN B 91 32.88 8.12 8.37
CA GLN B 91 33.58 9.38 8.17
C GLN B 91 34.97 9.30 8.76
N GLY B 92 35.03 9.01 10.06
CA GLY B 92 36.28 8.88 10.80
C GLY B 92 37.16 7.88 10.09
N ILE B 93 36.53 6.80 9.63
CA ILE B 93 37.24 5.79 8.86
C ILE B 93 37.83 6.37 7.56
N TYR B 94 37.16 7.35 6.96
CA TYR B 94 37.70 8.00 5.77
C TYR B 94 38.97 8.74 6.11
N LYS B 95 38.90 9.67 7.06
CA LYS B 95 40.03 10.52 7.32
C LYS B 95 41.20 9.72 7.85
N ARG B 96 40.91 8.75 8.72
CA ARG B 96 41.92 7.85 9.29
C ARG B 96 42.67 7.13 8.17
N PHE B 97 41.97 6.36 7.34
CA PHE B 97 42.65 5.54 6.33
C PHE B 97 43.04 6.31 5.06
N ASP B 98 42.63 7.57 4.97
CA ASP B 98 43.20 8.49 3.98
C ASP B 98 44.53 9.01 4.54
N THR B 99 45.59 8.22 4.36
CA THR B 99 46.87 8.56 4.96
C THR B 99 47.78 9.51 4.16
N ASP B 100 47.48 9.73 2.89
CA ASP B 100 48.23 10.73 2.15
C ASP B 100 47.49 12.04 2.12
N ARG B 101 46.40 12.15 2.89
CA ARG B 101 45.64 13.40 2.95
C ARG B 101 45.21 13.91 1.57
N SER B 102 44.65 13.05 0.73
CA SER B 102 44.20 13.47 -0.59
C SER B 102 42.74 13.89 -0.55
N GLY B 103 42.03 13.50 0.51
CA GLY B 103 40.58 13.65 0.59
C GLY B 103 39.84 12.54 -0.17
N THR B 104 40.61 11.61 -0.73
CA THR B 104 40.10 10.38 -1.33
C THR B 104 40.77 9.14 -0.74
N ILE B 105 40.02 8.04 -0.72
CA ILE B 105 40.57 6.74 -0.45
C ILE B 105 41.07 6.17 -1.76
N GLY B 106 42.37 5.98 -1.82
CA GLY B 106 43.02 5.52 -3.03
C GLY B 106 43.09 4.02 -3.05
N SER B 107 43.51 3.49 -4.19
CA SER B 107 43.61 2.05 -4.42
C SER B 107 44.07 1.28 -3.18
N ASN B 108 45.26 1.58 -2.67
CA ASN B 108 45.89 0.81 -1.60
C ASN B 108 45.29 1.06 -0.22
N GLU B 109 44.58 2.18 -0.07
CA GLU B 109 44.01 2.56 1.21
C GLU B 109 42.72 1.81 1.46
N LEU B 110 42.10 1.37 0.37
CA LEU B 110 40.75 0.79 0.39
C LEU B 110 40.64 -0.45 1.27
N PRO B 111 41.41 -1.52 0.99
CA PRO B 111 41.30 -2.76 1.78
C PRO B 111 41.42 -2.49 3.27
N GLY B 112 42.30 -1.56 3.63
CA GLY B 112 42.49 -1.16 5.01
C GLY B 112 41.20 -0.75 5.66
N ALA B 113 40.50 0.19 5.01
CA ALA B 113 39.31 0.82 5.59
C ALA B 113 38.09 -0.09 5.66
N PHE B 114 37.87 -0.87 4.60
CA PHE B 114 36.69 -1.74 4.51
C PHE B 114 36.74 -2.82 5.57
N GLU B 115 37.88 -3.52 5.64
CA GLU B 115 38.19 -4.44 6.74
C GLU B 115 37.85 -3.77 8.05
N ALA B 116 38.36 -2.54 8.22
CA ALA B 116 38.08 -1.69 9.37
C ALA B 116 36.59 -1.37 9.54
N ALA B 117 35.85 -1.35 8.44
CA ALA B 117 34.43 -1.12 8.53
C ALA B 117 33.76 -2.44 8.82
N GLY B 118 34.53 -3.43 9.25
CA GLY B 118 34.00 -4.75 9.53
C GLY B 118 33.86 -5.67 8.33
N PHE B 119 34.22 -5.19 7.14
CA PHE B 119 34.03 -5.97 5.91
C PHE B 119 35.24 -6.78 5.47
N HIS B 120 34.97 -7.97 4.93
CA HIS B 120 36.03 -8.93 4.65
C HIS B 120 36.01 -9.56 3.25
N LEU B 121 36.84 -9.00 2.38
CA LEU B 121 36.80 -9.35 0.96
C LEU B 121 38.10 -9.89 0.40
N ASN B 122 38.04 -10.37 -0.84
CA ASN B 122 39.23 -10.81 -1.54
C ASN B 122 39.70 -9.69 -2.45
N GLN B 123 40.92 -9.81 -2.97
CA GLN B 123 41.45 -8.82 -3.90
C GLN B 123 40.51 -8.68 -5.12
N HIS B 124 39.96 -9.80 -5.59
CA HIS B 124 39.06 -9.80 -6.76
C HIS B 124 37.90 -8.79 -6.57
N ILE B 125 37.13 -8.99 -5.49
CA ILE B 125 36.05 -8.10 -5.09
C ILE B 125 36.53 -6.66 -4.98
N TYR B 126 37.68 -6.44 -4.35
CA TYR B 126 38.19 -5.09 -4.17
C TYR B 126 38.42 -4.40 -5.49
N SER B 127 39.11 -5.08 -6.39
CA SER B 127 39.36 -4.53 -7.72
C SER B 127 38.06 -4.05 -8.36
N MET B 128 37.07 -4.95 -8.46
CA MET B 128 35.80 -4.61 -9.10
C MET B 128 35.07 -3.45 -8.41
N ILE B 129 35.07 -3.45 -7.09
CA ILE B 129 34.55 -2.31 -6.35
C ILE B 129 35.24 -1.08 -6.91
N ILE B 130 36.57 -1.15 -6.99
CA ILE B 130 37.38 -0.05 -7.45
C ILE B 130 37.10 0.28 -8.91
N ARG B 131 36.79 -0.73 -9.73
CA ARG B 131 36.36 -0.48 -11.11
C ARG B 131 35.00 0.24 -11.15
N ARG B 132 34.08 -0.15 -10.28
CA ARG B 132 32.74 0.42 -10.32
C ARG B 132 32.59 1.73 -9.54
N TYR B 133 33.29 1.84 -8.42
CA TYR B 133 33.12 3.02 -7.59
C TYR B 133 34.27 4.04 -7.62
N SER B 134 35.40 3.71 -8.25
CA SER B 134 36.54 4.63 -8.23
C SER B 134 36.77 5.38 -9.52
N ASP B 135 37.44 6.52 -9.39
CA ASP B 135 37.73 7.37 -10.52
C ASP B 135 39.03 6.94 -11.17
N GLU B 136 38.98 6.62 -12.47
CA GLU B 136 40.14 6.55 -13.38
C GLU B 136 41.48 6.09 -12.81
N THR B 137 41.97 6.84 -11.82
CA THR B 137 43.26 6.63 -11.16
C THR B 137 43.23 5.52 -10.08
N GLY B 138 42.04 5.00 -9.80
CA GLY B 138 41.82 4.10 -8.69
C GLY B 138 41.23 4.82 -7.48
N ASN B 139 41.35 6.15 -7.46
CA ASN B 139 40.95 6.91 -6.31
C ASN B 139 39.45 7.07 -6.24
N MET B 140 38.95 7.30 -5.04
CA MET B 140 37.52 7.18 -4.74
C MET B 140 37.04 8.34 -3.87
N ASP B 141 36.04 9.03 -4.40
CA ASP B 141 35.39 10.15 -3.76
C ASP B 141 34.88 9.87 -2.33
N PHE B 142 34.34 10.89 -1.67
CA PHE B 142 33.64 10.68 -0.42
C PHE B 142 32.20 10.24 -0.60
N ASP B 143 31.42 11.00 -1.38
CA ASP B 143 30.04 10.61 -1.56
C ASP B 143 29.98 9.16 -2.09
N ASN B 144 30.90 8.77 -2.98
CA ASN B 144 30.95 7.41 -3.58
C ASN B 144 31.26 6.32 -2.55
N PHE B 145 32.17 6.64 -1.63
CA PHE B 145 32.67 5.74 -0.59
C PHE B 145 31.57 5.42 0.39
N ILE B 146 30.72 6.42 0.62
CA ILE B 146 29.59 6.35 1.53
C ILE B 146 28.48 5.56 0.87
N SER B 147 28.16 5.95 -0.36
CA SER B 147 27.11 5.33 -1.12
C SER B 147 27.44 3.85 -1.21
N CYS B 148 28.72 3.55 -1.32
CA CYS B 148 29.15 2.18 -1.46
C CYS B 148 28.98 1.38 -0.16
N LEU B 149 29.46 1.94 0.94
CA LEU B 149 29.41 1.24 2.19
C LEU B 149 27.99 1.04 2.64
N VAL B 150 27.10 1.95 2.27
CA VAL B 150 25.70 1.81 2.66
C VAL B 150 25.10 0.52 2.12
N ARG B 151 25.34 0.23 0.83
CA ARG B 151 24.80 -1.00 0.28
C ARG B 151 25.56 -2.28 0.56
N LEU B 152 26.86 -2.18 0.77
CA LEU B 152 27.56 -3.32 1.37
C LEU B 152 26.87 -3.64 2.70
N ASP B 153 26.76 -2.64 3.56
CA ASP B 153 26.13 -2.83 4.83
C ASP B 153 24.73 -3.41 4.70
N ALA B 154 23.97 -3.00 3.70
CA ALA B 154 22.60 -3.49 3.54
C ALA B 154 22.56 -4.99 3.24
N MET B 155 23.19 -5.38 2.12
CA MET B 155 23.17 -6.77 1.62
C MET B 155 23.78 -7.71 2.64
N PHE B 156 24.61 -7.16 3.52
CA PHE B 156 25.31 -7.92 4.53
C PHE B 156 24.39 -8.28 5.70
N ARG B 157 23.41 -7.42 5.94
CA ARG B 157 22.50 -7.59 7.04
C ARG B 157 21.38 -8.43 6.52
N ALA B 158 21.05 -8.18 5.26
CA ALA B 158 20.02 -8.93 4.58
C ALA B 158 20.44 -10.39 4.56
N PHE B 159 21.68 -10.66 4.16
CA PHE B 159 22.19 -12.00 4.15
C PHE B 159 22.05 -12.60 5.53
N ARG B 160 22.59 -11.90 6.52
CA ARG B 160 22.51 -12.26 7.93
C ARG B 160 21.08 -12.66 8.28
N SER B 161 20.17 -11.74 8.04
CA SER B 161 18.73 -11.94 8.22
C SER B 161 18.17 -13.23 7.60
N LEU B 162 19.00 -14.01 6.90
CA LEU B 162 18.57 -15.30 6.34
C LEU B 162 19.51 -16.48 6.72
N ASP B 163 20.72 -16.17 7.18
CA ASP B 163 21.65 -17.18 7.67
C ASP B 163 21.18 -17.72 9.04
N LYS B 164 19.95 -18.22 9.05
CA LYS B 164 19.41 -18.83 10.26
C LYS B 164 20.10 -20.17 10.53
N ASN B 165 20.43 -20.87 9.44
CA ASN B 165 21.25 -22.09 9.46
C ASN B 165 22.68 -21.82 9.92
N GLY B 166 23.04 -20.53 10.01
CA GLY B 166 24.36 -20.12 10.49
C GLY B 166 25.47 -20.55 9.55
N THR B 167 25.12 -21.37 8.55
CA THR B 167 26.10 -22.04 7.67
C THR B 167 26.86 -21.13 6.73
N GLY B 168 26.56 -19.83 6.80
CA GLY B 168 27.08 -18.86 5.84
C GLY B 168 26.55 -19.16 4.45
N GLN B 169 25.32 -19.66 4.40
CA GLN B 169 24.75 -20.02 3.13
C GLN B 169 23.20 -20.00 3.14
N ILE B 170 22.66 -19.04 2.40
CA ILE B 170 21.22 -18.82 2.32
C ILE B 170 20.66 -19.23 0.96
N GLN B 171 19.38 -19.58 0.95
CA GLN B 171 18.66 -19.80 -0.29
C GLN B 171 17.48 -18.81 -0.40
N VAL B 172 17.19 -18.36 -1.62
CA VAL B 172 16.14 -17.36 -1.87
C VAL B 172 15.37 -17.73 -3.11
N ASN B 173 14.19 -17.16 -3.30
CA ASN B 173 13.44 -17.44 -4.52
C ASN B 173 13.35 -16.20 -5.37
N ILE B 174 12.59 -16.28 -6.47
CA ILE B 174 12.53 -15.18 -7.41
C ILE B 174 12.13 -13.85 -6.75
N GLN B 175 10.96 -13.85 -6.09
CA GLN B 175 10.51 -12.79 -5.21
C GLN B 175 11.67 -12.33 -4.39
N GLU B 176 12.00 -13.05 -3.33
CA GLU B 176 13.02 -12.53 -2.40
C GLU B 176 14.24 -11.87 -3.09
N TRP B 177 14.64 -12.45 -4.21
CA TRP B 177 15.83 -12.03 -4.92
C TRP B 177 15.64 -10.63 -5.43
N LEU B 178 14.59 -10.45 -6.23
CA LEU B 178 14.15 -9.15 -6.67
C LEU B 178 13.96 -8.15 -5.50
N GLN B 179 13.07 -8.44 -4.55
CA GLN B 179 12.85 -7.59 -3.36
C GLN B 179 14.10 -7.03 -2.68
N LEU B 180 15.10 -7.87 -2.51
CA LEU B 180 16.29 -7.52 -1.79
C LEU B 180 17.30 -6.90 -2.70
N THR B 181 17.13 -7.01 -4.00
CA THR B 181 18.16 -6.46 -4.91
C THR B 181 17.66 -5.36 -5.85
N MET B 182 16.35 -5.26 -6.07
CA MET B 182 15.79 -4.11 -6.74
C MET B 182 15.83 -2.86 -5.85
N TYR B 183 17.01 -2.63 -5.27
CA TYR B 183 17.23 -1.64 -4.21
C TYR B 183 18.46 -0.84 -4.49
N SER B 184 19.56 -1.49 -4.89
CA SER B 184 20.55 -0.74 -5.69
C SER B 184 19.79 -0.18 -6.94
N ALA C 2 28.54 11.94 -38.02
CA ALA C 2 29.11 10.61 -37.61
C ALA C 2 28.42 10.11 -36.34
N LEU C 3 28.50 10.89 -35.27
CA LEU C 3 27.69 10.62 -34.07
C LEU C 3 26.22 10.89 -34.41
N ASP C 4 25.99 11.99 -35.14
CA ASP C 4 24.74 12.31 -35.82
C ASP C 4 24.15 11.05 -36.50
N ASP C 5 24.92 10.45 -37.39
CA ASP C 5 24.47 9.28 -38.15
C ASP C 5 24.04 8.14 -37.22
N LEU C 6 24.74 8.01 -36.10
CA LEU C 6 24.42 7.01 -35.08
C LEU C 6 23.00 7.20 -34.57
N ILE C 7 22.70 8.41 -34.14
CA ILE C 7 21.44 8.69 -33.42
C ILE C 7 20.19 8.54 -34.29
N ASP C 8 20.36 8.71 -35.60
CA ASP C 8 19.26 8.53 -36.55
C ASP C 8 18.59 7.17 -36.49
N THR C 9 19.34 6.17 -36.03
CA THR C 9 18.88 4.77 -36.02
C THR C 9 17.74 4.56 -35.04
N LEU C 10 17.40 5.62 -34.30
CA LEU C 10 16.35 5.55 -33.29
C LEU C 10 14.95 5.93 -33.82
N GLY C 11 14.51 5.29 -34.90
CA GLY C 11 13.15 5.50 -35.45
C GLY C 11 12.98 6.73 -36.33
N GLU C 12 12.67 6.50 -37.61
CA GLU C 12 12.73 7.54 -38.66
C GLU C 12 12.07 8.87 -38.28
N CYS C 13 12.92 9.87 -38.04
CA CYS C 13 12.52 11.22 -37.60
C CYS C 13 11.77 11.24 -36.27
N VAL C 27 -18.15 12.22 -31.30
CA VAL C 27 -19.45 12.14 -31.96
C VAL C 27 -20.54 11.71 -30.98
N VAL C 28 -20.23 10.80 -30.04
CA VAL C 28 -21.28 10.21 -29.17
C VAL C 28 -21.16 10.36 -27.65
N LEU C 29 -22.13 11.08 -27.08
CA LEU C 29 -22.22 11.26 -25.64
C LEU C 29 -22.92 10.11 -24.92
N ASP C 30 -22.43 9.87 -23.71
CA ASP C 30 -22.85 8.79 -22.86
C ASP C 30 -22.80 9.26 -21.40
N PRO C 31 -23.85 9.98 -20.95
CA PRO C 31 -23.91 10.52 -19.60
C PRO C 31 -23.58 9.53 -18.50
N MET C 32 -22.59 9.89 -17.69
CA MET C 32 -22.32 9.19 -16.43
C MET C 32 -22.83 10.10 -15.32
N ASP C 33 -23.78 9.60 -14.54
CA ASP C 33 -24.38 10.35 -13.45
C ASP C 33 -23.66 10.04 -12.13
N SER C 34 -23.57 11.03 -11.24
CA SER C 34 -22.98 10.83 -9.91
C SER C 34 -23.98 10.94 -8.79
N THR C 35 -23.51 10.73 -7.56
CA THR C 35 -24.33 10.75 -6.35
C THR C 35 -23.46 11.00 -5.10
N TYR C 36 -24.10 11.44 -4.03
CA TYR C 36 -23.35 11.90 -2.86
C TYR C 36 -24.00 11.36 -1.62
N LEU C 37 -23.24 10.62 -0.83
CA LEU C 37 -23.73 10.00 0.41
C LEU C 37 -23.00 10.48 1.64
N GLU C 38 -23.78 10.86 2.66
CA GLU C 38 -23.24 11.50 3.84
C GLU C 38 -22.53 10.50 4.70
N ALA C 39 -21.26 10.76 5.01
CA ALA C 39 -20.45 9.88 5.88
C ALA C 39 -21.02 9.85 7.30
N LEU C 40 -21.15 8.64 7.86
CA LEU C 40 -21.84 8.46 9.14
C LEU C 40 -21.09 8.93 10.39
N GLY C 41 -21.80 9.62 11.26
CA GLY C 41 -21.21 10.12 12.50
C GLY C 41 -20.26 11.30 12.39
N ILE C 42 -20.30 12.01 11.26
CA ILE C 42 -19.51 13.24 11.09
C ILE C 42 -20.20 14.44 11.73
N LYS C 43 -21.36 14.20 12.33
CA LYS C 43 -22.09 15.24 13.06
C LYS C 43 -21.99 14.98 14.56
N GLU C 44 -21.76 16.04 15.32
CA GLU C 44 -21.48 15.86 16.73
C GLU C 44 -22.70 15.40 17.50
N GLY C 45 -23.88 15.56 16.90
CA GLY C 45 -25.12 15.12 17.50
C GLY C 45 -25.20 13.62 17.61
N THR C 46 -24.22 12.94 17.04
CA THR C 46 -24.20 11.49 16.94
C THR C 46 -23.24 10.87 17.98
N ILE C 47 -22.38 11.72 18.54
CA ILE C 47 -21.48 11.35 19.61
C ILE C 47 -22.29 11.26 20.91
N PRO C 48 -22.06 10.19 21.71
CA PRO C 48 -22.84 9.96 22.92
C PRO C 48 -23.03 11.21 23.78
N PRO C 49 -24.17 11.30 24.49
CA PRO C 49 -24.33 12.44 25.37
C PRO C 49 -23.34 12.29 26.51
N GLU C 50 -23.35 11.10 27.13
CA GLU C 50 -22.51 10.81 28.28
C GLU C 50 -21.06 11.20 28.01
N TYR C 51 -20.68 11.19 26.73
CA TYR C 51 -19.29 11.39 26.33
C TYR C 51 -18.93 12.77 25.77
N ARG C 52 -19.88 13.39 25.06
CA ARG C 52 -19.75 14.82 24.76
C ARG C 52 -19.42 15.62 26.04
N LYS C 53 -20.00 15.22 27.18
CA LYS C 53 -19.68 15.81 28.48
C LYS C 53 -18.17 16.06 28.66
N LEU C 54 -17.42 14.97 28.67
CA LEU C 54 -15.98 14.99 28.91
C LEU C 54 -15.20 15.98 28.06
N LEU C 55 -15.45 15.99 26.76
CA LEU C 55 -14.69 16.84 25.82
C LEU C 55 -14.51 18.33 26.16
N GLU C 56 -15.40 18.90 26.98
CA GLU C 56 -15.18 20.23 27.55
C GLU C 56 -14.47 20.11 28.90
N LYS C 57 -15.10 20.63 29.96
CA LYS C 57 -14.57 20.58 31.34
C LYS C 57 -13.14 21.13 31.44
N ASN C 58 -12.16 20.23 31.61
CA ASN C 58 -10.71 20.54 31.71
C ASN C 58 -10.07 20.22 33.09
N GLU C 59 -8.93 19.52 33.05
CA GLU C 59 -8.06 19.35 34.20
C GLU C 59 -6.70 19.94 33.87
N HIS C 76 21.75 26.07 14.91
CA HIS C 76 21.04 26.30 13.61
C HIS C 76 21.01 25.04 12.74
N ALA C 77 19.83 24.75 12.21
CA ALA C 77 19.49 23.56 11.41
C ALA C 77 20.50 22.38 11.32
N ILE C 78 21.65 22.57 10.67
CA ILE C 78 22.52 21.43 10.28
C ILE C 78 23.97 21.38 10.80
N ASP C 79 24.35 22.25 11.72
CA ASP C 79 25.74 22.31 12.18
C ASP C 79 26.04 21.38 13.35
N ALA C 80 24.99 20.94 14.03
CA ALA C 80 25.11 19.93 15.06
C ALA C 80 25.36 18.56 14.43
N LEU C 81 25.08 18.44 13.14
CA LEU C 81 25.48 17.25 12.39
C LEU C 81 26.95 17.33 12.00
N SER C 82 27.40 18.52 11.58
CA SER C 82 28.81 18.76 11.23
C SER C 82 29.69 18.38 12.40
N SER C 83 29.26 18.79 13.59
CA SER C 83 29.87 18.41 14.87
C SER C 83 30.38 16.97 14.92
N ASP C 84 29.63 16.04 14.32
CA ASP C 84 29.99 14.62 14.27
C ASP C 84 31.25 14.27 13.45
N PHE C 85 31.61 15.13 12.49
CA PHE C 85 32.77 14.83 11.64
C PHE C 85 34.07 15.20 12.32
N THR C 86 34.23 16.51 12.54
CA THR C 86 35.43 17.09 13.14
C THR C 86 35.19 18.55 13.57
CA CA D . -17.18 -9.68 27.22
CA CA E . -32.74 -4.01 25.15
CA CA F . 37.24 3.51 -27.64
CA CA G . 35.01 -6.41 -23.69
CA CA H . 4.05 9.70 -19.93
CA CA I . 17.20 10.54 -13.83
CA CA J . 9.75 15.35 4.82
CA CA K . 10.71 4.77 7.28
CA CA L . 44.18 9.12 -0.15
CA CA M . 31.29 11.25 -6.37
#